data_7CX8
#
_entry.id   7CX8
#
_cell.length_a   58.793
_cell.length_b   128.580
_cell.length_c   147.853
_cell.angle_alpha   90.000
_cell.angle_beta   90.000
_cell.angle_gamma   90.000
#
_symmetry.space_group_name_H-M   'P 21 21 21'
#
loop_
_entity.id
_entity.type
_entity.pdbx_description
1 polymer 'Bifunctional cytochrome P450/NADPH--P450 reductase'
2 non-polymer 'PROTOPORPHYRIN IX CONTAINING FE'
3 non-polymer '(2~{S})-2-(5-cyclohexylpentanoylamino)-3-phenyl-propanoic acid'
4 non-polymer (1R)-1,2,3,4-tetrahydronaphthalen-1-amine
5 non-polymer (1~{S})-1,2,3,4-tetrahydronaphthalen-1-amine
6 non-polymer GLYCEROL
7 water water
#
_entity_poly.entity_id   1
_entity_poly.type   'polypeptide(L)'
_entity_poly.pdbx_seq_one_letter_code
;MTIKEMPQPKTFGELKNLPLLNTDKPVQALMKIADELGEIFKFEAPGRVTRYLSSQRLIKEACDESRFDKNLSQALKFVR
DFAGDGLFTSWTHEKNWKKAHNILLPSFSQQAMKGYHAMMVDIAVQLVQKWERLNADEHIEVPEDMTRLTLDTIGLCGFN
YRFNSFYRDQPHPFITSMVRALDEAMNKLQRANPDDPAYDENKRQFQEDIKVMNDLVDKIIADRKASGEQSDDLLTHMLN
GKDPETGEPLDDENIRYQIITFLIAGHETTSGLLSFALYFLVKNPHVLQKAAEEAARVLVDPVPSYKQVKQLKYVGMVLN
EALRLWPTAPAFSLYAKEDTVLGGEYPLEKGDELMVLIPQLHRDKTIWGDDVEEFRPERFENPSAIPQHAFKPFGNGQRA
CIGQQFALHEATLVLGMMLKHFDFEDHTNYELDIKETLTLKPEGFVVKAKSKKIPL
;
_entity_poly.pdbx_strand_id   A,B
#
# COMPACT_ATOMS: atom_id res chain seq x y z
N THR A 2 -13.95 1.08 -59.32
CA THR A 2 -13.17 1.99 -60.23
C THR A 2 -12.19 2.83 -59.39
N ILE A 3 -10.94 2.99 -59.87
CA ILE A 3 -9.83 3.71 -59.16
C ILE A 3 -10.34 5.08 -58.67
N LYS A 4 -10.02 5.42 -57.42
CA LYS A 4 -10.57 6.60 -56.70
C LYS A 4 -9.41 7.26 -55.96
N GLU A 5 -9.37 8.58 -55.96
CA GLU A 5 -8.48 9.36 -55.06
C GLU A 5 -8.99 9.16 -53.62
N MET A 6 -8.06 8.93 -52.72
CA MET A 6 -8.34 8.76 -51.28
C MET A 6 -8.48 10.13 -50.62
N PRO A 7 -9.50 10.34 -49.76
CA PRO A 7 -9.59 11.56 -48.96
C PRO A 7 -8.36 11.71 -48.04
N GLN A 8 -8.02 12.95 -47.72
CA GLN A 8 -6.87 13.32 -46.86
C GLN A 8 -7.30 14.48 -45.97
N PRO A 9 -6.95 14.46 -44.66
CA PRO A 9 -7.28 15.60 -43.81
C PRO A 9 -6.41 16.83 -44.10
N LYS A 10 -6.71 17.91 -43.40
CA LYS A 10 -6.05 19.23 -43.63
C LYS A 10 -4.52 19.12 -43.43
N THR A 11 -3.78 19.92 -44.19
CA THR A 11 -2.30 19.90 -44.23
C THR A 11 -1.75 21.20 -43.69
N PHE A 12 -0.48 21.18 -43.30
CA PHE A 12 0.27 22.26 -42.64
C PHE A 12 1.57 22.51 -43.41
N GLY A 13 1.45 22.79 -44.70
CA GLY A 13 2.61 23.04 -45.57
C GLY A 13 3.55 21.84 -45.61
N GLU A 14 4.84 22.09 -45.40
CA GLU A 14 5.93 21.09 -45.44
C GLU A 14 5.72 19.98 -44.38
N LEU A 15 4.99 20.25 -43.30
CA LEU A 15 4.71 19.22 -42.24
C LEU A 15 3.55 18.30 -42.66
N LYS A 16 2.85 18.62 -43.75
CA LYS A 16 1.76 17.79 -44.32
C LYS A 16 0.75 17.56 -43.19
N ASN A 17 0.40 16.32 -42.83
CA ASN A 17 -0.66 16.05 -41.81
C ASN A 17 -0.11 15.94 -40.39
N LEU A 18 1.21 15.98 -40.21
CA LEU A 18 1.85 15.59 -38.93
C LEU A 18 1.28 16.37 -37.74
N PRO A 19 1.09 17.71 -37.79
CA PRO A 19 0.59 18.46 -36.64
C PRO A 19 -0.79 18.04 -36.13
N LEU A 20 -1.58 17.31 -36.90
CA LEU A 20 -2.90 16.79 -36.42
C LEU A 20 -2.73 15.83 -35.25
N LEU A 21 -1.59 15.14 -35.15
CA LEU A 21 -1.34 14.17 -34.05
C LEU A 21 -0.47 14.84 -32.98
N ASN A 22 -0.33 16.17 -33.02
CA ASN A 22 0.36 16.91 -31.93
C ASN A 22 -0.67 17.13 -30.82
N THR A 23 -1.02 16.06 -30.10
CA THR A 23 -2.09 16.02 -29.07
C THR A 23 -1.75 14.88 -28.11
N ASP A 24 -2.24 14.94 -26.88
CA ASP A 24 -2.12 13.79 -25.94
C ASP A 24 -3.16 12.72 -26.30
N LYS A 25 -4.05 12.95 -27.26
CA LYS A 25 -5.15 12.00 -27.61
C LYS A 25 -5.18 11.73 -29.11
N PRO A 26 -4.08 11.20 -29.68
CA PRO A 26 -4.01 11.04 -31.14
C PRO A 26 -5.00 10.03 -31.74
N VAL A 27 -5.31 8.95 -31.03
CA VAL A 27 -6.29 7.93 -31.51
C VAL A 27 -7.66 8.60 -31.64
N GLN A 28 -8.06 9.35 -30.64
CA GLN A 28 -9.37 10.06 -30.64
C GLN A 28 -9.39 11.13 -31.75
N ALA A 29 -8.26 11.79 -32.03
CA ALA A 29 -8.14 12.74 -33.17
C ALA A 29 -8.34 11.99 -34.48
N LEU A 30 -7.75 10.80 -34.61
CA LEU A 30 -7.88 9.99 -35.85
C LEU A 30 -9.32 9.51 -36.00
N MET A 31 -9.98 9.16 -34.89
CA MET A 31 -11.43 8.80 -34.89
C MET A 31 -12.29 9.95 -35.44
N LYS A 32 -12.07 11.18 -35.00
CA LYS A 32 -12.83 12.36 -35.48
C LYS A 32 -12.54 12.55 -36.97
N ILE A 33 -11.29 12.33 -37.40
CA ILE A 33 -10.94 12.45 -38.84
C ILE A 33 -11.73 11.39 -39.60
N ALA A 34 -11.77 10.15 -39.08
CA ALA A 34 -12.53 9.06 -39.74
C ALA A 34 -14.02 9.44 -39.84
N ASP A 35 -14.61 9.96 -38.78
CA ASP A 35 -16.06 10.37 -38.80
C ASP A 35 -16.32 11.39 -39.90
N GLU A 36 -15.35 12.29 -40.16
N GLU A 36 -15.34 12.28 -40.16
CA GLU A 36 -15.49 13.35 -41.19
CA GLU A 36 -15.45 13.37 -41.17
C GLU A 36 -15.26 12.75 -42.59
C GLU A 36 -15.23 12.79 -42.58
N LEU A 37 -14.23 11.93 -42.76
CA LEU A 37 -13.74 11.55 -44.10
C LEU A 37 -14.26 10.18 -44.53
N GLY A 38 -14.66 9.32 -43.60
CA GLY A 38 -15.29 8.02 -43.90
C GLY A 38 -14.31 6.85 -43.78
N GLU A 39 -14.49 5.85 -44.62
CA GLU A 39 -13.96 4.49 -44.37
C GLU A 39 -12.44 4.44 -44.56
N ILE A 40 -11.86 5.36 -45.32
CA ILE A 40 -10.41 5.33 -45.58
C ILE A 40 -9.93 6.77 -45.78
N PHE A 41 -8.77 7.09 -45.21
CA PHE A 41 -8.07 8.35 -45.54
C PHE A 41 -6.56 8.12 -45.51
N LYS A 42 -5.86 8.96 -46.28
CA LYS A 42 -4.38 8.97 -46.37
C LYS A 42 -3.89 10.01 -45.36
N PHE A 43 -2.81 9.68 -44.69
CA PHE A 43 -2.14 10.57 -43.71
C PHE A 43 -0.67 10.65 -44.12
N GLU A 44 -0.21 11.86 -44.46
CA GLU A 44 1.19 12.11 -44.88
C GLU A 44 1.92 12.86 -43.77
N ALA A 45 3.18 12.49 -43.57
CA ALA A 45 4.17 13.25 -42.78
C ALA A 45 5.45 13.30 -43.62
N PRO A 46 6.44 14.15 -43.27
CA PRO A 46 7.69 14.17 -44.02
C PRO A 46 8.18 12.72 -44.12
N GLY A 47 8.24 12.21 -45.35
CA GLY A 47 8.87 10.93 -45.73
C GLY A 47 8.07 9.70 -45.29
N ARG A 48 6.76 9.84 -45.09
N ARG A 48 6.74 9.82 -45.15
CA ARG A 48 5.90 8.68 -44.75
CA ARG A 48 5.89 8.68 -44.70
C ARG A 48 4.44 8.96 -45.11
C ARG A 48 4.47 8.83 -45.22
N VAL A 49 3.71 7.90 -45.47
N VAL A 49 3.86 7.72 -45.64
CA VAL A 49 2.23 7.92 -45.70
CA VAL A 49 2.40 7.68 -45.94
C VAL A 49 1.61 6.67 -45.07
C VAL A 49 1.86 6.52 -45.11
N THR A 50 0.52 6.86 -44.32
N THR A 50 0.65 6.70 -44.55
CA THR A 50 -0.26 5.80 -43.67
CA THR A 50 -0.13 5.57 -44.00
C THR A 50 -1.65 5.89 -44.30
C THR A 50 -1.62 5.86 -44.21
N ARG A 51 -2.38 4.79 -44.42
CA ARG A 51 -3.79 4.84 -44.77
C ARG A 51 -4.58 4.26 -43.61
N TYR A 52 -5.60 4.99 -43.16
CA TYR A 52 -6.39 4.63 -41.96
C TYR A 52 -7.71 4.04 -42.45
N LEU A 53 -7.98 2.78 -42.06
N LEU A 53 -8.00 2.81 -42.00
CA LEU A 53 -9.20 2.02 -42.42
CA LEU A 53 -9.17 2.01 -42.41
C LEU A 53 -10.16 2.01 -41.25
C LEU A 53 -10.17 1.95 -41.25
N SER A 54 -11.44 2.21 -41.53
CA SER A 54 -12.52 2.27 -40.50
C SER A 54 -13.73 1.38 -40.80
N SER A 55 -13.90 0.86 -42.01
CA SER A 55 -15.11 0.10 -42.42
C SER A 55 -14.79 -1.38 -42.38
N GLN A 56 -15.77 -2.19 -41.99
CA GLN A 56 -15.67 -3.66 -42.11
C GLN A 56 -15.43 -4.02 -43.58
N ARG A 57 -16.03 -3.26 -44.51
CA ARG A 57 -15.88 -3.53 -45.97
C ARG A 57 -14.39 -3.56 -46.35
N LEU A 58 -13.58 -2.60 -45.87
CA LEU A 58 -12.14 -2.56 -46.24
C LEU A 58 -11.32 -3.43 -45.28
N ILE A 59 -11.69 -3.46 -44.00
CA ILE A 59 -10.88 -4.19 -42.98
C ILE A 59 -11.01 -5.70 -43.24
N LYS A 60 -12.10 -6.20 -43.80
CA LYS A 60 -12.20 -7.65 -44.09
C LYS A 60 -11.16 -8.00 -45.17
N GLU A 61 -10.82 -7.07 -46.08
CA GLU A 61 -9.76 -7.33 -47.09
C GLU A 61 -8.39 -7.26 -46.44
N ALA A 62 -8.15 -6.26 -45.59
CA ALA A 62 -6.86 -6.02 -44.90
C ALA A 62 -6.50 -7.25 -44.04
N CYS A 63 -7.50 -7.95 -43.53
CA CYS A 63 -7.32 -9.15 -42.67
C CYS A 63 -7.01 -10.41 -43.50
N ASP A 64 -6.92 -10.30 -44.83
CA ASP A 64 -6.52 -11.40 -45.73
C ASP A 64 -5.01 -11.60 -45.61
N GLU A 65 -4.57 -12.65 -44.92
CA GLU A 65 -3.13 -12.85 -44.63
C GLU A 65 -2.35 -13.20 -45.91
N SER A 66 -3.01 -13.62 -47.00
CA SER A 66 -2.32 -13.83 -48.29
C SER A 66 -1.91 -12.47 -48.89
N ARG A 67 -2.56 -11.36 -48.52
CA ARG A 67 -2.31 -10.05 -49.17
C ARG A 67 -1.62 -9.07 -48.22
N PHE A 68 -1.80 -9.21 -46.91
CA PHE A 68 -1.33 -8.22 -45.89
C PHE A 68 -0.74 -8.99 -44.71
N ASP A 69 0.40 -8.50 -44.22
CA ASP A 69 1.10 -9.02 -43.03
C ASP A 69 1.16 -7.91 -41.97
N LYS A 70 1.38 -8.31 -40.73
CA LYS A 70 1.57 -7.32 -39.64
C LYS A 70 2.73 -6.38 -39.98
N ASN A 71 2.47 -5.08 -39.83
CA ASN A 71 3.50 -4.02 -39.91
C ASN A 71 3.87 -3.59 -38.49
N LEU A 72 5.14 -3.27 -38.24
CA LEU A 72 5.52 -2.48 -37.05
C LEU A 72 5.25 -1.02 -37.39
N SER A 73 4.18 -0.47 -36.82
CA SER A 73 3.92 0.98 -36.82
C SER A 73 5.16 1.69 -36.26
N GLN A 74 5.31 2.98 -36.51
CA GLN A 74 6.42 3.74 -35.92
C GLN A 74 6.38 3.60 -34.40
N ALA A 75 5.18 3.59 -33.79
CA ALA A 75 5.04 3.37 -32.33
C ALA A 75 5.70 2.05 -31.92
N LEU A 76 5.39 0.94 -32.61
CA LEU A 76 5.99 -0.37 -32.24
C LEU A 76 7.51 -0.35 -32.53
N LYS A 77 7.98 0.36 -33.55
CA LYS A 77 9.44 0.48 -33.82
C LYS A 77 10.13 1.17 -32.63
N PHE A 78 9.54 2.20 -32.04
CA PHE A 78 10.09 2.88 -30.83
C PHE A 78 9.96 1.94 -29.62
N VAL A 79 8.84 1.22 -29.47
CA VAL A 79 8.70 0.26 -28.33
C VAL A 79 9.76 -0.84 -28.47
N ARG A 80 10.10 -1.23 -29.69
CA ARG A 80 11.09 -2.32 -29.94
C ARG A 80 12.46 -1.97 -29.33
N ASP A 81 12.78 -0.70 -29.15
CA ASP A 81 14.03 -0.29 -28.44
C ASP A 81 14.11 -0.94 -27.06
N PHE A 82 13.00 -1.32 -26.44
CA PHE A 82 13.06 -2.07 -25.16
C PHE A 82 12.29 -3.39 -25.21
N ALA A 83 11.37 -3.61 -26.15
CA ALA A 83 10.65 -4.91 -26.26
C ALA A 83 11.34 -5.84 -27.26
N GLY A 84 12.34 -5.33 -27.97
CA GLY A 84 13.23 -6.10 -28.84
C GLY A 84 12.47 -6.94 -29.83
N ASP A 85 12.91 -8.20 -30.00
CA ASP A 85 12.22 -9.14 -30.92
C ASP A 85 11.36 -10.09 -30.07
N GLY A 86 10.74 -9.59 -29.02
CA GLY A 86 9.58 -10.25 -28.39
C GLY A 86 8.45 -10.45 -29.39
N LEU A 87 7.42 -11.20 -29.03
CA LEU A 87 6.33 -11.58 -29.97
C LEU A 87 5.64 -10.34 -30.56
N PHE A 88 5.49 -9.28 -29.77
CA PHE A 88 4.64 -8.13 -30.15
C PHE A 88 5.40 -7.22 -31.11
N THR A 89 6.72 -7.12 -30.97
CA THR A 89 7.53 -6.15 -31.74
C THR A 89 8.43 -6.87 -32.76
N SER A 90 8.16 -8.13 -33.08
N SER A 90 8.15 -8.14 -33.06
CA SER A 90 8.90 -8.93 -34.09
CA SER A 90 8.82 -8.94 -34.11
C SER A 90 8.11 -8.99 -35.41
C SER A 90 8.08 -8.81 -35.44
N TRP A 91 8.84 -8.95 -36.53
CA TRP A 91 8.25 -9.16 -37.87
C TRP A 91 7.95 -10.66 -37.99
N THR A 92 6.87 -10.99 -38.68
CA THR A 92 6.44 -12.38 -38.93
C THR A 92 7.58 -13.20 -39.57
N HIS A 93 8.45 -12.55 -40.34
CA HIS A 93 9.51 -13.27 -41.10
C HIS A 93 10.79 -13.43 -40.27
N GLU A 94 10.86 -12.81 -39.10
CA GLU A 94 12.04 -12.98 -38.20
C GLU A 94 11.97 -14.37 -37.55
N LYS A 95 13.11 -15.07 -37.54
CA LYS A 95 13.18 -16.45 -36.98
C LYS A 95 12.55 -16.47 -35.58
N ASN A 96 12.87 -15.49 -34.74
CA ASN A 96 12.44 -15.51 -33.31
C ASN A 96 10.92 -15.36 -33.18
N TRP A 97 10.20 -14.87 -34.18
CA TRP A 97 8.72 -14.76 -34.06
C TRP A 97 8.13 -16.18 -34.00
N LYS A 98 8.34 -17.00 -35.03
N LYS A 98 8.32 -16.98 -35.05
CA LYS A 98 7.67 -18.32 -35.14
CA LYS A 98 7.68 -18.32 -35.16
C LYS A 98 8.22 -19.22 -34.03
C LYS A 98 8.22 -19.22 -34.04
N LYS A 99 9.52 -19.13 -33.74
CA LYS A 99 10.15 -19.91 -32.67
C LYS A 99 9.45 -19.62 -31.32
N ALA A 100 9.38 -18.36 -30.88
CA ALA A 100 8.77 -17.99 -29.59
C ALA A 100 7.27 -18.33 -29.62
N HIS A 101 6.60 -18.09 -30.75
CA HIS A 101 5.16 -18.40 -30.95
C HIS A 101 4.93 -19.89 -30.68
N ASN A 102 5.73 -20.75 -31.31
CA ASN A 102 5.55 -22.23 -31.14
C ASN A 102 5.79 -22.61 -29.66
N ILE A 103 6.81 -22.04 -29.02
CA ILE A 103 7.18 -22.38 -27.61
C ILE A 103 6.11 -21.89 -26.63
N LEU A 104 5.53 -20.72 -26.87
CA LEU A 104 4.69 -20.01 -25.88
C LEU A 104 3.20 -20.37 -26.06
N LEU A 105 2.75 -20.84 -27.23
CA LEU A 105 1.31 -21.14 -27.45
C LEU A 105 0.74 -22.03 -26.35
N PRO A 106 1.40 -23.15 -25.96
CA PRO A 106 0.85 -24.00 -24.89
C PRO A 106 0.80 -23.29 -23.52
N SER A 107 1.63 -22.28 -23.28
CA SER A 107 1.61 -21.49 -22.01
C SER A 107 0.39 -20.57 -21.95
N PHE A 108 -0.31 -20.36 -23.06
CA PHE A 108 -1.38 -19.34 -23.17
C PHE A 108 -2.71 -19.94 -23.54
N SER A 109 -2.76 -21.27 -23.57
CA SER A 109 -3.97 -22.03 -23.95
C SER A 109 -5.00 -21.97 -22.83
N GLN A 110 -6.24 -22.29 -23.18
CA GLN A 110 -7.33 -22.42 -22.20
C GLN A 110 -6.88 -23.46 -21.15
N GLN A 111 -6.24 -24.56 -21.53
CA GLN A 111 -5.73 -25.58 -20.56
C GLN A 111 -4.78 -24.90 -19.56
N ALA A 112 -3.89 -24.03 -20.04
CA ALA A 112 -2.89 -23.36 -19.18
C ALA A 112 -3.59 -22.48 -18.13
N MET A 113 -4.79 -21.98 -18.43
CA MET A 113 -5.48 -21.03 -17.51
C MET A 113 -5.81 -21.78 -16.21
N LYS A 114 -6.04 -23.09 -16.27
CA LYS A 114 -6.30 -23.89 -15.02
C LYS A 114 -5.16 -23.77 -14.02
N GLY A 115 -3.91 -23.71 -14.51
CA GLY A 115 -2.71 -23.54 -13.68
C GLY A 115 -2.52 -22.10 -13.18
N TYR A 116 -2.92 -21.09 -13.96
CA TYR A 116 -2.77 -19.66 -13.58
C TYR A 116 -3.88 -19.20 -12.64
N HIS A 117 -4.99 -19.93 -12.59
CA HIS A 117 -6.24 -19.53 -11.91
C HIS A 117 -5.94 -19.17 -10.44
N ALA A 118 -5.20 -20.01 -9.72
CA ALA A 118 -4.91 -19.81 -8.28
C ALA A 118 -4.15 -18.48 -8.09
N MET A 119 -3.21 -18.16 -8.97
CA MET A 119 -2.42 -16.90 -8.84
C MET A 119 -3.33 -15.70 -9.17
N MET A 120 -4.21 -15.82 -10.17
CA MET A 120 -5.18 -14.74 -10.52
C MET A 120 -6.12 -14.50 -9.32
N VAL A 121 -6.60 -15.57 -8.70
CA VAL A 121 -7.50 -15.43 -7.51
C VAL A 121 -6.74 -14.73 -6.38
N ASP A 122 -5.46 -15.06 -6.16
CA ASP A 122 -4.64 -14.41 -5.10
C ASP A 122 -4.74 -12.87 -5.23
N ILE A 123 -4.52 -12.33 -6.42
CA ILE A 123 -4.53 -10.86 -6.66
C ILE A 123 -5.97 -10.32 -6.61
N ALA A 124 -6.92 -11.07 -7.15
CA ALA A 124 -8.33 -10.64 -7.21
C ALA A 124 -8.85 -10.51 -5.78
N VAL A 125 -8.47 -11.47 -4.94
CA VAL A 125 -8.85 -11.44 -3.50
C VAL A 125 -8.24 -10.20 -2.85
N GLN A 126 -7.02 -9.80 -3.20
CA GLN A 126 -6.39 -8.56 -2.65
C GLN A 126 -7.19 -7.33 -3.09
N LEU A 127 -7.67 -7.29 -4.33
CA LEU A 127 -8.54 -6.16 -4.76
C LEU A 127 -9.82 -6.14 -3.93
N VAL A 128 -10.52 -7.26 -3.83
CA VAL A 128 -11.81 -7.30 -3.07
C VAL A 128 -11.56 -6.84 -1.62
N GLN A 129 -10.50 -7.33 -0.97
N GLN A 129 -10.50 -7.33 -0.97
CA GLN A 129 -10.21 -6.99 0.45
CA GLN A 129 -10.21 -7.00 0.45
C GLN A 129 -9.93 -5.48 0.56
C GLN A 129 -9.91 -5.49 0.58
N LYS A 130 -9.20 -4.91 -0.39
CA LYS A 130 -8.95 -3.45 -0.40
C LYS A 130 -10.29 -2.71 -0.38
N TRP A 131 -11.22 -3.07 -1.27
CA TRP A 131 -12.52 -2.35 -1.37
C TRP A 131 -13.36 -2.62 -0.13
N GLU A 132 -13.30 -3.83 0.44
CA GLU A 132 -14.06 -4.18 1.68
C GLU A 132 -13.59 -3.28 2.82
N ARG A 133 -12.34 -2.83 2.76
CA ARG A 133 -11.69 -2.10 3.88
C ARG A 133 -11.77 -0.58 3.71
N LEU A 134 -12.40 -0.07 2.65
CA LEU A 134 -12.58 1.39 2.54
C LEU A 134 -13.63 1.82 3.57
N ASN A 135 -13.47 3.04 4.06
CA ASN A 135 -14.40 3.76 4.98
C ASN A 135 -15.58 4.32 4.18
N ALA A 136 -16.72 4.53 4.83
CA ALA A 136 -17.97 5.03 4.20
C ALA A 136 -17.69 6.26 3.32
N ASP A 137 -16.81 7.15 3.79
CA ASP A 137 -16.53 8.48 3.18
C ASP A 137 -15.68 8.37 1.89
N GLU A 138 -15.26 7.17 1.49
CA GLU A 138 -14.13 7.03 0.54
C GLU A 138 -14.66 6.58 -0.81
N HIS A 139 -13.83 6.67 -1.84
CA HIS A 139 -14.19 6.18 -3.20
C HIS A 139 -13.04 5.36 -3.77
N ILE A 140 -13.32 4.71 -4.89
CA ILE A 140 -12.38 3.83 -5.65
C ILE A 140 -11.89 4.60 -6.87
N GLU A 141 -10.57 4.66 -7.08
CA GLU A 141 -9.90 5.12 -8.30
C GLU A 141 -9.82 3.90 -9.24
N VAL A 142 -10.74 3.81 -10.19
CA VAL A 142 -11.01 2.54 -10.92
C VAL A 142 -9.78 2.15 -11.73
N PRO A 143 -9.33 2.92 -12.74
CA PRO A 143 -8.18 2.47 -13.54
C PRO A 143 -6.89 2.26 -12.74
N GLU A 144 -6.70 3.05 -11.67
CA GLU A 144 -5.56 2.89 -10.73
C GLU A 144 -5.58 1.48 -10.15
N ASP A 145 -6.71 1.06 -9.59
CA ASP A 145 -6.84 -0.25 -8.90
C ASP A 145 -6.85 -1.37 -9.94
N MET A 146 -7.47 -1.15 -11.11
CA MET A 146 -7.47 -2.22 -12.15
C MET A 146 -6.02 -2.42 -12.60
N THR A 147 -5.21 -1.36 -12.71
CA THR A 147 -3.82 -1.47 -13.18
C THR A 147 -2.93 -2.13 -12.12
N ARG A 148 -3.10 -1.79 -10.83
CA ARG A 148 -2.48 -2.54 -9.70
C ARG A 148 -2.75 -4.03 -9.87
N LEU A 149 -4.01 -4.41 -10.11
CA LEU A 149 -4.39 -5.83 -10.19
C LEU A 149 -3.71 -6.49 -11.41
N THR A 150 -3.86 -5.92 -12.62
CA THR A 150 -3.44 -6.67 -13.85
C THR A 150 -1.91 -6.76 -13.89
N LEU A 151 -1.19 -5.73 -13.45
CA LEU A 151 0.28 -5.77 -13.34
C LEU A 151 0.67 -6.91 -12.38
N ASP A 152 0.03 -6.99 -11.20
CA ASP A 152 0.43 -7.98 -10.18
C ASP A 152 0.14 -9.39 -10.69
N THR A 153 -0.96 -9.56 -11.42
CA THR A 153 -1.38 -10.89 -11.95
C THR A 153 -0.30 -11.40 -12.90
N ILE A 154 0.18 -10.56 -13.83
CA ILE A 154 1.16 -11.04 -14.84
C ILE A 154 2.52 -11.18 -14.16
N GLY A 155 2.81 -10.40 -13.12
CA GLY A 155 4.05 -10.56 -12.36
C GLY A 155 4.11 -11.94 -11.74
N LEU A 156 2.99 -12.39 -11.17
N LEU A 156 3.00 -12.37 -11.13
CA LEU A 156 2.90 -13.68 -10.43
CA LEU A 156 2.88 -13.68 -10.45
C LEU A 156 2.84 -14.85 -11.42
C LEU A 156 2.90 -14.82 -11.48
N CYS A 157 1.95 -14.82 -12.41
CA CYS A 157 1.83 -15.87 -13.46
C CYS A 157 3.01 -15.85 -14.42
N GLY A 158 3.60 -14.68 -14.61
CA GLY A 158 4.75 -14.52 -15.52
C GLY A 158 5.99 -15.16 -14.94
N PHE A 159 6.40 -14.73 -13.75
CA PHE A 159 7.70 -15.15 -13.19
C PHE A 159 7.69 -15.18 -11.67
N ASN A 160 6.53 -15.40 -11.05
CA ASN A 160 6.46 -15.65 -9.58
C ASN A 160 7.08 -14.46 -8.84
N TYR A 161 6.85 -13.25 -9.32
CA TYR A 161 7.34 -11.99 -8.70
C TYR A 161 6.12 -11.17 -8.23
N ARG A 162 6.16 -10.69 -6.98
CA ARG A 162 5.13 -9.79 -6.41
C ARG A 162 5.53 -8.33 -6.56
N PHE A 163 4.83 -7.59 -7.44
CA PHE A 163 4.96 -6.13 -7.50
C PHE A 163 4.31 -5.51 -6.25
N ASN A 164 3.42 -6.22 -5.56
CA ASN A 164 2.80 -5.73 -4.30
C ASN A 164 2.24 -4.31 -4.54
N SER A 165 1.55 -4.14 -5.67
CA SER A 165 0.91 -2.87 -6.08
C SER A 165 -0.14 -2.36 -5.07
N PHE A 166 -0.82 -3.24 -4.35
CA PHE A 166 -1.88 -2.84 -3.37
C PHE A 166 -1.26 -2.39 -2.05
N TYR A 167 0.06 -2.52 -1.90
CA TYR A 167 0.82 -2.07 -0.71
C TYR A 167 1.41 -0.67 -0.97
N ARG A 168 1.17 -0.10 -2.16
CA ARG A 168 1.92 1.10 -2.62
C ARG A 168 1.02 2.23 -3.07
N ASP A 169 1.51 3.46 -2.89
CA ASP A 169 1.03 4.69 -3.56
C ASP A 169 1.87 4.95 -4.82
N GLN A 170 3.19 4.71 -4.75
CA GLN A 170 4.16 4.95 -5.85
C GLN A 170 4.49 3.60 -6.48
N PRO A 171 4.46 3.47 -7.83
CA PRO A 171 4.74 2.18 -8.44
C PRO A 171 6.13 1.69 -8.05
N HIS A 172 6.30 0.38 -8.07
CA HIS A 172 7.61 -0.30 -8.07
C HIS A 172 8.50 0.42 -9.08
N PRO A 173 9.81 0.60 -8.83
CA PRO A 173 10.72 1.30 -9.75
C PRO A 173 10.76 0.76 -11.19
N PHE A 174 10.63 -0.57 -11.38
CA PHE A 174 10.59 -1.17 -12.73
C PHE A 174 9.46 -0.48 -13.51
N ILE A 175 8.32 -0.28 -12.86
CA ILE A 175 7.06 0.23 -13.48
C ILE A 175 7.22 1.71 -13.83
N THR A 176 7.83 2.51 -12.95
CA THR A 176 8.16 3.93 -13.19
C THR A 176 8.94 4.05 -14.51
N SER A 177 9.97 3.22 -14.66
CA SER A 177 10.84 3.21 -15.85
C SER A 177 10.06 2.76 -17.10
N MET A 178 9.23 1.73 -16.95
CA MET A 178 8.51 1.15 -18.12
C MET A 178 7.49 2.18 -18.62
N VAL A 179 6.77 2.82 -17.69
CA VAL A 179 5.72 3.82 -18.04
C VAL A 179 6.42 5.00 -18.73
N ARG A 180 7.58 5.42 -18.22
CA ARG A 180 8.32 6.57 -18.80
C ARG A 180 8.92 6.19 -20.17
N ALA A 181 9.32 4.94 -20.36
CA ALA A 181 9.83 4.46 -21.67
C ALA A 181 8.66 4.46 -22.67
N LEU A 182 7.50 3.94 -22.26
CA LEU A 182 6.28 3.88 -23.12
C LEU A 182 5.86 5.31 -23.49
N ASP A 183 5.99 6.26 -22.56
CA ASP A 183 5.61 7.67 -22.79
C ASP A 183 6.59 8.29 -23.80
N GLU A 184 7.87 8.01 -23.66
CA GLU A 184 8.89 8.55 -24.59
C GLU A 184 8.65 7.99 -26.00
N ALA A 185 8.37 6.70 -26.13
CA ALA A 185 8.10 6.06 -27.44
C ALA A 185 6.94 6.77 -28.13
N MET A 186 5.84 7.01 -27.43
CA MET A 186 4.66 7.66 -28.05
C MET A 186 4.97 9.14 -28.33
N ASN A 187 5.67 9.86 -27.43
CA ASN A 187 5.98 11.30 -27.63
C ASN A 187 6.90 11.50 -28.84
N LYS A 188 7.79 10.54 -29.13
CA LYS A 188 8.74 10.64 -30.26
C LYS A 188 8.00 10.70 -31.58
N LEU A 189 6.77 10.19 -31.64
CA LEU A 189 5.93 10.26 -32.87
C LEU A 189 5.68 11.72 -33.26
N GLN A 190 5.67 12.65 -32.30
CA GLN A 190 5.20 14.05 -32.54
C GLN A 190 6.38 14.98 -32.85
N ARG A 191 7.62 14.51 -32.78
CA ARG A 191 8.83 15.35 -32.95
C ARG A 191 9.18 15.53 -34.44
N ALA A 192 8.86 16.70 -34.99
CA ALA A 192 9.26 17.15 -36.34
C ALA A 192 10.78 16.98 -36.53
N ASN A 193 11.61 17.34 -35.53
CA ASN A 193 13.10 17.30 -35.61
C ASN A 193 13.66 16.54 -34.41
N PRO A 194 13.70 15.19 -34.44
CA PRO A 194 14.07 14.41 -33.26
C PRO A 194 15.53 14.60 -32.78
N ASP A 195 16.40 15.18 -33.62
CA ASP A 195 17.87 15.32 -33.35
C ASP A 195 18.17 16.67 -32.69
N ASP A 196 17.22 17.61 -32.64
CA ASP A 196 17.34 18.90 -31.91
C ASP A 196 17.84 18.62 -30.49
N PRO A 197 18.86 19.34 -29.96
CA PRO A 197 19.37 19.10 -28.61
C PRO A 197 18.39 19.35 -27.45
N ALA A 198 17.22 19.96 -27.70
CA ALA A 198 16.13 20.11 -26.71
C ALA A 198 15.69 18.73 -26.16
N TYR A 199 15.88 17.67 -26.94
CA TYR A 199 15.44 16.28 -26.64
C TYR A 199 16.60 15.44 -26.08
N ASP A 200 17.76 16.03 -25.79
CA ASP A 200 18.97 15.31 -25.30
C ASP A 200 18.70 14.72 -23.91
N GLU A 201 17.93 15.41 -23.06
CA GLU A 201 17.57 14.91 -21.72
C GLU A 201 16.62 13.69 -21.88
N ASN A 202 15.62 13.80 -22.77
CA ASN A 202 14.64 12.70 -23.03
C ASN A 202 15.42 11.43 -23.42
N LYS A 203 16.47 11.57 -24.23
CA LYS A 203 17.26 10.44 -24.77
C LYS A 203 18.07 9.79 -23.66
N ARG A 204 18.69 10.58 -22.78
N ARG A 204 18.69 10.58 -22.78
CA ARG A 204 19.46 10.07 -21.61
CA ARG A 204 19.46 10.07 -21.61
C ARG A 204 18.53 9.30 -20.68
C ARG A 204 18.53 9.31 -20.67
N GLN A 205 17.34 9.85 -20.39
CA GLN A 205 16.33 9.24 -19.49
C GLN A 205 15.86 7.90 -20.10
N PHE A 206 15.66 7.89 -21.41
CA PHE A 206 15.18 6.70 -22.14
C PHE A 206 16.21 5.56 -21.94
N GLN A 207 17.50 5.86 -22.10
CA GLN A 207 18.58 4.83 -21.93
C GLN A 207 18.61 4.34 -20.48
N GLU A 208 18.49 5.25 -19.50
CA GLU A 208 18.47 4.90 -18.05
C GLU A 208 17.27 3.97 -17.76
N ASP A 209 16.10 4.27 -18.33
CA ASP A 209 14.85 3.49 -18.10
C ASP A 209 15.00 2.10 -18.72
N ILE A 210 15.56 2.03 -19.92
CA ILE A 210 15.85 0.74 -20.61
C ILE A 210 16.78 -0.07 -19.69
N LYS A 211 17.81 0.57 -19.13
CA LYS A 211 18.79 -0.12 -18.24
C LYS A 211 18.08 -0.69 -17.01
N VAL A 212 17.21 0.08 -16.37
CA VAL A 212 16.44 -0.36 -15.18
C VAL A 212 15.61 -1.61 -15.55
N MET A 213 14.91 -1.58 -16.69
CA MET A 213 14.03 -2.73 -17.05
C MET A 213 14.91 -3.98 -17.30
N ASN A 214 15.98 -3.84 -18.07
CA ASN A 214 16.88 -4.96 -18.44
C ASN A 214 17.52 -5.56 -17.18
N ASP A 215 17.91 -4.71 -16.22
CA ASP A 215 18.63 -5.15 -15.00
C ASP A 215 17.70 -5.99 -14.14
N LEU A 216 16.46 -5.53 -13.85
CA LEU A 216 15.55 -6.36 -13.02
C LEU A 216 15.27 -7.65 -13.79
N VAL A 217 14.95 -7.58 -15.08
CA VAL A 217 14.45 -8.78 -15.78
C VAL A 217 15.59 -9.79 -15.96
N ASP A 218 16.78 -9.33 -16.35
CA ASP A 218 17.97 -10.21 -16.52
C ASP A 218 18.35 -10.85 -15.18
N LYS A 219 18.22 -10.12 -14.06
CA LYS A 219 18.52 -10.65 -12.70
C LYS A 219 17.50 -11.72 -12.34
N ILE A 220 16.22 -11.46 -12.63
CA ILE A 220 15.15 -12.46 -12.35
C ILE A 220 15.45 -13.74 -13.13
N ILE A 221 15.87 -13.62 -14.39
CA ILE A 221 16.13 -14.84 -15.22
C ILE A 221 17.36 -15.55 -14.61
N ALA A 222 18.41 -14.80 -14.32
CA ALA A 222 19.69 -15.34 -13.79
C ALA A 222 19.40 -16.05 -12.46
N ASP A 223 18.60 -15.41 -11.60
CA ASP A 223 18.16 -15.94 -10.27
C ASP A 223 17.39 -17.23 -10.45
N ARG A 224 16.49 -17.34 -11.44
CA ARG A 224 15.71 -18.59 -11.64
C ARG A 224 16.63 -19.74 -12.11
N LYS A 225 17.53 -19.46 -13.04
CA LYS A 225 18.45 -20.49 -13.58
C LYS A 225 19.32 -21.03 -12.44
N ALA A 226 19.86 -20.16 -11.58
CA ALA A 226 20.76 -20.51 -10.47
C ALA A 226 20.03 -21.46 -9.51
N SER A 227 18.78 -21.12 -9.13
CA SER A 227 17.99 -21.83 -8.09
C SER A 227 17.52 -23.19 -8.62
N GLY A 228 17.25 -23.30 -9.91
CA GLY A 228 16.67 -24.51 -10.53
C GLY A 228 15.21 -24.74 -10.16
N GLU A 229 14.59 -23.79 -9.44
CA GLU A 229 13.16 -23.85 -9.02
C GLU A 229 12.32 -24.06 -10.28
N GLN A 230 11.29 -24.91 -10.20
CA GLN A 230 10.41 -25.26 -11.35
C GLN A 230 8.96 -24.83 -11.04
N SER A 231 8.70 -23.53 -10.83
CA SER A 231 7.34 -22.97 -10.64
C SER A 231 6.56 -23.07 -11.96
N ASP A 232 5.23 -23.00 -11.90
CA ASP A 232 4.36 -23.17 -13.08
C ASP A 232 4.05 -21.76 -13.60
N ASP A 233 5.09 -21.09 -14.08
CA ASP A 233 4.97 -19.72 -14.60
C ASP A 233 5.59 -19.69 -16.00
N LEU A 234 5.42 -18.57 -16.70
CA LEU A 234 5.85 -18.47 -18.12
C LEU A 234 7.37 -18.62 -18.20
N LEU A 235 8.10 -18.08 -17.20
CA LEU A 235 9.57 -18.12 -17.17
C LEU A 235 10.06 -19.58 -17.16
N THR A 236 9.48 -20.44 -16.33
CA THR A 236 9.83 -21.90 -16.33
C THR A 236 9.60 -22.49 -17.73
N HIS A 237 8.46 -22.19 -18.37
CA HIS A 237 8.10 -22.73 -19.71
C HIS A 237 9.13 -22.23 -20.73
N MET A 238 9.57 -20.98 -20.63
CA MET A 238 10.55 -20.41 -21.59
C MET A 238 11.96 -21.00 -21.38
N LEU A 239 12.37 -21.26 -20.12
CA LEU A 239 13.71 -21.83 -19.83
C LEU A 239 13.74 -23.31 -20.26
N ASN A 240 12.61 -24.01 -20.24
CA ASN A 240 12.54 -25.48 -20.46
C ASN A 240 12.06 -25.84 -21.88
N GLY A 241 11.43 -24.91 -22.58
CA GLY A 241 10.68 -25.24 -23.79
C GLY A 241 11.57 -25.28 -25.00
N LYS A 242 11.24 -26.13 -25.95
CA LYS A 242 11.96 -26.24 -27.23
C LYS A 242 10.96 -26.07 -28.37
N ASP A 243 11.32 -25.25 -29.35
CA ASP A 243 10.51 -25.12 -30.58
C ASP A 243 10.52 -26.45 -31.32
N PRO A 244 9.36 -27.08 -31.56
CA PRO A 244 9.31 -28.33 -32.32
C PRO A 244 9.93 -28.22 -33.72
N GLU A 245 9.83 -27.04 -34.35
CA GLU A 245 10.33 -26.80 -35.73
C GLU A 245 11.86 -26.78 -35.74
N THR A 246 12.49 -25.80 -35.10
CA THR A 246 13.97 -25.62 -35.05
C THR A 246 14.62 -26.61 -34.06
N GLY A 247 13.86 -27.12 -33.08
CA GLY A 247 14.35 -27.90 -31.92
C GLY A 247 15.12 -27.04 -30.94
N GLU A 248 15.10 -25.70 -31.13
CA GLU A 248 15.92 -24.81 -30.28
C GLU A 248 15.07 -24.21 -29.16
N PRO A 249 15.69 -23.86 -28.02
CA PRO A 249 15.00 -23.08 -27.00
C PRO A 249 15.22 -21.58 -27.30
N LEU A 250 14.48 -20.72 -26.62
CA LEU A 250 14.76 -19.26 -26.61
C LEU A 250 16.06 -19.00 -25.86
N ASP A 251 16.87 -18.08 -26.32
CA ASP A 251 18.03 -17.60 -25.54
C ASP A 251 17.56 -16.59 -24.49
N ASP A 252 18.43 -16.28 -23.53
CA ASP A 252 18.09 -15.46 -22.34
C ASP A 252 17.70 -14.04 -22.76
N GLU A 253 18.34 -13.47 -23.77
CA GLU A 253 18.01 -12.13 -24.29
C GLU A 253 16.55 -12.12 -24.79
N ASN A 254 16.15 -13.15 -25.53
CA ASN A 254 14.78 -13.17 -26.10
C ASN A 254 13.79 -13.37 -24.96
N ILE A 255 14.12 -14.19 -23.95
CA ILE A 255 13.24 -14.42 -22.77
C ILE A 255 13.00 -13.07 -22.08
N ARG A 256 14.05 -12.27 -21.96
CA ARG A 256 13.95 -10.92 -21.33
C ARG A 256 12.96 -10.06 -22.11
N TYR A 257 13.09 -9.98 -23.43
CA TYR A 257 12.12 -9.24 -24.28
C TYR A 257 10.69 -9.77 -24.13
N GLN A 258 10.49 -11.09 -24.01
CA GLN A 258 9.11 -11.63 -23.87
C GLN A 258 8.56 -11.15 -22.52
N ILE A 259 9.37 -11.24 -21.46
CA ILE A 259 8.91 -10.80 -20.12
C ILE A 259 8.57 -9.31 -20.16
N ILE A 260 9.43 -8.47 -20.74
CA ILE A 260 9.14 -7.01 -20.82
C ILE A 260 7.80 -6.83 -21.57
N THR A 261 7.60 -7.55 -22.67
CA THR A 261 6.34 -7.53 -23.45
C THR A 261 5.14 -7.89 -22.57
N PHE A 262 5.20 -8.99 -21.82
CA PHE A 262 4.07 -9.44 -20.97
C PHE A 262 3.81 -8.41 -19.87
N LEU A 263 4.85 -7.80 -19.32
CA LEU A 263 4.65 -6.76 -18.26
C LEU A 263 4.00 -5.50 -18.85
N ILE A 264 4.41 -5.08 -20.05
CA ILE A 264 3.72 -3.97 -20.78
C ILE A 264 2.24 -4.35 -20.92
N ALA A 265 1.92 -5.55 -21.38
CA ALA A 265 0.52 -6.00 -21.58
C ALA A 265 -0.23 -5.92 -20.23
N GLY A 266 0.37 -6.40 -19.16
CA GLY A 266 -0.31 -6.50 -17.85
C GLY A 266 -0.66 -5.11 -17.34
N HIS A 267 0.23 -4.14 -17.56
CA HIS A 267 0.02 -2.73 -17.22
C HIS A 267 -1.03 -2.07 -18.11
N GLU A 268 -1.00 -2.32 -19.41
CA GLU A 268 -1.68 -1.45 -20.42
C GLU A 268 -3.07 -1.95 -20.83
N THR A 269 -3.31 -3.27 -20.97
CA THR A 269 -4.49 -3.79 -21.73
C THR A 269 -5.63 -4.21 -20.81
N THR A 270 -5.48 -5.30 -20.07
CA THR A 270 -6.62 -5.91 -19.32
C THR A 270 -7.18 -4.88 -18.33
N SER A 271 -6.31 -4.02 -17.77
CA SER A 271 -6.74 -2.93 -16.85
C SER A 271 -7.69 -1.94 -17.54
N GLY A 272 -7.44 -1.62 -18.81
CA GLY A 272 -8.32 -0.74 -19.61
C GLY A 272 -9.66 -1.41 -19.83
N LEU A 273 -9.65 -2.67 -20.24
CA LEU A 273 -10.89 -3.45 -20.46
C LEU A 273 -11.73 -3.43 -19.18
N LEU A 274 -11.16 -3.76 -18.02
CA LEU A 274 -11.94 -3.80 -16.76
C LEU A 274 -12.49 -2.40 -16.46
N SER A 275 -11.70 -1.36 -16.66
CA SER A 275 -12.08 0.04 -16.34
C SER A 275 -13.24 0.44 -17.26
N PHE A 276 -13.18 0.14 -18.55
CA PHE A 276 -14.33 0.44 -19.47
C PHE A 276 -15.54 -0.43 -19.15
N ALA A 277 -15.33 -1.68 -18.76
CA ALA A 277 -16.47 -2.57 -18.42
C ALA A 277 -17.21 -2.01 -17.21
N LEU A 278 -16.49 -1.56 -16.18
CA LEU A 278 -17.17 -1.03 -14.96
C LEU A 278 -17.87 0.29 -15.33
N TYR A 279 -17.23 1.09 -16.17
CA TYR A 279 -17.81 2.37 -16.64
C TYR A 279 -19.16 2.06 -17.29
N PHE A 280 -19.22 1.12 -18.23
CA PHE A 280 -20.48 0.86 -18.95
C PHE A 280 -21.52 0.27 -18.00
N LEU A 281 -21.09 -0.56 -17.04
CA LEU A 281 -22.04 -1.20 -16.10
C LEU A 281 -22.70 -0.11 -15.24
N VAL A 282 -21.94 0.85 -14.72
CA VAL A 282 -22.54 1.90 -13.83
C VAL A 282 -23.38 2.88 -14.66
N LYS A 283 -23.11 3.02 -15.97
CA LYS A 283 -23.94 3.87 -16.87
C LYS A 283 -25.17 3.13 -17.39
N ASN A 284 -25.29 1.82 -17.18
CA ASN A 284 -26.38 0.94 -17.70
C ASN A 284 -26.86 0.02 -16.60
N PRO A 285 -27.59 0.57 -15.60
CA PRO A 285 -27.99 -0.18 -14.41
C PRO A 285 -28.74 -1.48 -14.70
N HIS A 286 -29.57 -1.54 -15.74
CA HIS A 286 -30.27 -2.80 -16.08
C HIS A 286 -29.24 -3.86 -16.47
N VAL A 287 -28.14 -3.47 -17.13
CA VAL A 287 -27.09 -4.45 -17.55
C VAL A 287 -26.33 -4.91 -16.29
N LEU A 288 -25.98 -3.96 -15.41
N LEU A 288 -25.98 -3.95 -15.43
CA LEU A 288 -25.27 -4.26 -14.14
CA LEU A 288 -25.29 -4.20 -14.14
C LEU A 288 -26.10 -5.27 -13.34
C LEU A 288 -26.10 -5.23 -13.33
N GLN A 289 -27.42 -5.06 -13.27
CA GLN A 289 -28.31 -5.97 -12.50
C GLN A 289 -28.24 -7.37 -13.10
N LYS A 290 -28.29 -7.49 -14.44
CA LYS A 290 -28.30 -8.82 -15.09
C LYS A 290 -26.96 -9.54 -14.82
N ALA A 291 -25.85 -8.81 -14.90
CA ALA A 291 -24.50 -9.34 -14.65
C ALA A 291 -24.33 -9.71 -13.16
N ALA A 292 -24.81 -8.87 -12.24
CA ALA A 292 -24.75 -9.14 -10.79
C ALA A 292 -25.56 -10.40 -10.48
N GLU A 293 -26.72 -10.58 -11.12
CA GLU A 293 -27.58 -11.78 -10.89
C GLU A 293 -26.80 -13.04 -11.35
N GLU A 294 -26.13 -12.98 -12.50
CA GLU A 294 -25.29 -14.12 -12.94
C GLU A 294 -24.18 -14.38 -11.92
N ALA A 295 -23.47 -13.36 -11.44
CA ALA A 295 -22.33 -13.52 -10.51
C ALA A 295 -22.83 -14.24 -9.24
N ALA A 296 -23.98 -13.83 -8.74
CA ALA A 296 -24.59 -14.37 -7.50
C ALA A 296 -24.93 -15.85 -7.72
N ARG A 297 -25.56 -16.19 -8.86
CA ARG A 297 -26.05 -17.56 -9.15
C ARG A 297 -24.85 -18.50 -9.34
N VAL A 298 -23.78 -18.05 -9.99
CA VAL A 298 -22.65 -18.93 -10.40
C VAL A 298 -21.58 -19.04 -9.30
N LEU A 299 -21.21 -17.93 -8.68
CA LEU A 299 -20.06 -17.85 -7.75
C LEU A 299 -20.54 -18.18 -6.33
N VAL A 300 -20.90 -19.44 -6.13
CA VAL A 300 -21.52 -19.95 -4.88
C VAL A 300 -20.45 -20.28 -3.84
N ASP A 301 -19.17 -20.21 -4.17
CA ASP A 301 -18.07 -20.57 -3.22
C ASP A 301 -17.30 -19.32 -2.81
N PRO A 302 -16.63 -19.35 -1.64
CA PRO A 302 -15.84 -18.21 -1.17
C PRO A 302 -14.79 -17.72 -2.17
N VAL A 303 -14.15 -18.67 -2.87
CA VAL A 303 -13.15 -18.50 -3.97
C VAL A 303 -13.81 -18.99 -5.26
N PRO A 304 -13.82 -18.24 -6.39
CA PRO A 304 -14.24 -18.79 -7.67
C PRO A 304 -13.31 -19.93 -8.10
N SER A 305 -13.86 -20.97 -8.70
CA SER A 305 -13.08 -22.04 -9.38
C SER A 305 -12.88 -21.68 -10.84
N TYR A 306 -11.94 -22.34 -11.52
CA TYR A 306 -11.78 -22.25 -12.99
C TYR A 306 -13.12 -22.51 -13.70
N LYS A 307 -13.81 -23.59 -13.32
N LYS A 307 -13.82 -23.59 -13.33
CA LYS A 307 -15.05 -24.02 -14.02
CA LYS A 307 -15.05 -24.01 -14.03
C LYS A 307 -16.13 -22.96 -13.82
C LYS A 307 -16.15 -22.95 -13.82
N GLN A 308 -16.21 -22.34 -12.64
CA GLN A 308 -17.24 -21.31 -12.37
C GLN A 308 -16.98 -20.09 -13.28
N VAL A 309 -15.73 -19.66 -13.41
CA VAL A 309 -15.42 -18.52 -14.32
C VAL A 309 -15.92 -18.83 -15.73
N LYS A 310 -15.77 -20.08 -16.20
CA LYS A 310 -16.19 -20.48 -17.57
C LYS A 310 -17.71 -20.33 -17.69
N GLN A 311 -18.45 -20.39 -16.59
CA GLN A 311 -19.93 -20.34 -16.61
C GLN A 311 -20.43 -18.90 -16.50
N LEU A 312 -19.54 -17.91 -16.34
CA LEU A 312 -19.96 -16.49 -16.30
C LEU A 312 -20.14 -15.97 -17.74
N LYS A 313 -21.14 -16.50 -18.43
CA LYS A 313 -21.41 -16.22 -19.86
C LYS A 313 -21.77 -14.75 -20.07
N TYR A 314 -22.67 -14.18 -19.26
CA TYR A 314 -23.16 -12.80 -19.46
C TYR A 314 -22.01 -11.84 -19.15
N VAL A 315 -21.20 -12.18 -18.15
CA VAL A 315 -20.02 -11.34 -17.82
C VAL A 315 -19.09 -11.34 -19.03
N GLY A 316 -18.89 -12.48 -19.69
CA GLY A 316 -18.11 -12.57 -20.96
C GLY A 316 -18.65 -11.63 -22.02
N MET A 317 -19.98 -11.55 -22.13
CA MET A 317 -20.66 -10.72 -23.15
C MET A 317 -20.48 -9.25 -22.81
N VAL A 318 -20.56 -8.88 -21.54
CA VAL A 318 -20.29 -7.51 -21.04
C VAL A 318 -18.86 -7.11 -21.45
N LEU A 319 -17.88 -7.99 -21.23
CA LEU A 319 -16.47 -7.71 -21.61
C LEU A 319 -16.39 -7.52 -23.13
N ASN A 320 -17.04 -8.37 -23.92
CA ASN A 320 -16.99 -8.20 -25.40
C ASN A 320 -17.64 -6.88 -25.80
N GLU A 321 -18.73 -6.47 -25.17
CA GLU A 321 -19.45 -5.23 -25.59
C GLU A 321 -18.62 -4.01 -25.15
N ALA A 322 -17.87 -4.08 -24.05
CA ALA A 322 -16.89 -3.04 -23.67
C ALA A 322 -15.74 -2.99 -24.69
N LEU A 323 -15.18 -4.14 -25.08
CA LEU A 323 -14.16 -4.17 -26.17
C LEU A 323 -14.75 -3.63 -27.47
N ARG A 324 -16.05 -3.79 -27.68
CA ARG A 324 -16.64 -3.25 -28.92
C ARG A 324 -16.58 -1.71 -28.87
N LEU A 325 -17.18 -1.10 -27.87
CA LEU A 325 -17.34 0.37 -27.84
C LEU A 325 -16.02 1.08 -27.52
N TRP A 326 -15.17 0.53 -26.65
CA TRP A 326 -13.86 1.17 -26.35
C TRP A 326 -12.77 0.12 -26.31
N PRO A 327 -12.31 -0.35 -27.50
CA PRO A 327 -11.22 -1.34 -27.56
C PRO A 327 -9.93 -0.75 -26.96
N THR A 328 -9.50 -1.30 -25.83
CA THR A 328 -8.40 -0.67 -25.06
C THR A 328 -7.14 -0.68 -25.94
N ALA A 329 -6.93 -1.73 -26.74
CA ALA A 329 -5.88 -1.76 -27.79
C ALA A 329 -6.55 -1.26 -29.07
N PRO A 330 -6.32 0.01 -29.47
CA PRO A 330 -7.19 0.63 -30.46
C PRO A 330 -6.76 0.54 -31.93
N ALA A 331 -5.62 -0.06 -32.23
CA ALA A 331 -5.16 -0.10 -33.63
C ALA A 331 -4.16 -1.23 -33.81
N PHE A 332 -4.04 -1.68 -35.06
CA PHE A 332 -2.92 -2.52 -35.51
C PHE A 332 -2.61 -2.14 -36.95
N SER A 333 -1.38 -2.42 -37.36
CA SER A 333 -0.80 -1.94 -38.63
C SER A 333 -0.53 -3.15 -39.52
N LEU A 334 -0.74 -2.97 -40.82
CA LEU A 334 -0.50 -4.00 -41.87
C LEU A 334 0.35 -3.39 -43.00
N TYR A 335 1.09 -4.22 -43.73
CA TYR A 335 1.72 -3.77 -45.00
C TYR A 335 1.24 -4.69 -46.12
N ALA A 336 1.16 -4.15 -47.32
CA ALA A 336 0.81 -4.89 -48.54
C ALA A 336 2.01 -5.78 -48.92
N LYS A 337 1.79 -7.08 -48.99
CA LYS A 337 2.86 -8.06 -49.34
C LYS A 337 3.23 -7.91 -50.82
N GLU A 338 2.30 -7.46 -51.65
CA GLU A 338 2.52 -7.22 -53.10
C GLU A 338 1.65 -6.04 -53.51
N ASP A 339 1.98 -5.42 -54.65
CA ASP A 339 1.07 -4.50 -55.38
C ASP A 339 -0.34 -5.11 -55.37
N THR A 340 -1.37 -4.34 -55.00
CA THR A 340 -2.77 -4.87 -54.92
C THR A 340 -3.77 -3.72 -54.91
N VAL A 341 -5.04 -4.03 -55.09
CA VAL A 341 -6.14 -3.02 -55.12
C VAL A 341 -7.07 -3.34 -53.96
N LEU A 342 -7.32 -2.36 -53.12
CA LEU A 342 -8.17 -2.49 -51.92
C LEU A 342 -9.55 -1.97 -52.29
N GLY A 343 -10.58 -2.80 -52.08
CA GLY A 343 -12.00 -2.44 -52.20
C GLY A 343 -12.40 -2.08 -53.63
N GLY A 344 -11.69 -2.61 -54.62
CA GLY A 344 -11.89 -2.33 -56.05
C GLY A 344 -11.62 -0.87 -56.40
N GLU A 345 -10.99 -0.09 -55.53
CA GLU A 345 -10.96 1.39 -55.65
C GLU A 345 -9.58 1.99 -55.38
N TYR A 346 -8.79 1.42 -54.46
CA TYR A 346 -7.59 2.09 -53.91
C TYR A 346 -6.36 1.26 -54.19
N PRO A 347 -5.58 1.59 -55.24
CA PRO A 347 -4.38 0.84 -55.57
C PRO A 347 -3.29 1.04 -54.51
N LEU A 348 -2.68 -0.07 -54.09
CA LEU A 348 -1.56 -0.07 -53.13
C LEU A 348 -0.32 -0.68 -53.80
N GLU A 349 0.86 -0.14 -53.50
CA GLU A 349 2.18 -0.73 -53.86
C GLU A 349 2.66 -1.65 -52.74
N LYS A 350 3.41 -2.68 -53.12
CA LYS A 350 4.15 -3.56 -52.19
C LYS A 350 4.75 -2.68 -51.11
N GLY A 351 4.57 -3.02 -49.83
CA GLY A 351 5.20 -2.26 -48.73
C GLY A 351 4.31 -1.15 -48.16
N ASP A 352 3.24 -0.75 -48.84
CA ASP A 352 2.35 0.35 -48.38
C ASP A 352 1.73 -0.02 -47.03
N GLU A 353 1.71 0.93 -46.11
CA GLU A 353 1.29 0.70 -44.71
C GLU A 353 -0.17 1.11 -44.54
N LEU A 354 -0.91 0.30 -43.78
CA LEU A 354 -2.31 0.54 -43.36
C LEU A 354 -2.37 0.55 -41.84
N MET A 355 -3.29 1.33 -41.28
N MET A 355 -3.23 1.38 -41.27
CA MET A 355 -3.62 1.28 -39.84
CA MET A 355 -3.63 1.28 -39.84
C MET A 355 -5.13 1.00 -39.71
C MET A 355 -5.11 0.91 -39.81
N VAL A 356 -5.46 -0.07 -38.99
CA VAL A 356 -6.87 -0.43 -38.68
C VAL A 356 -7.28 0.37 -37.43
N LEU A 357 -8.31 1.20 -37.56
CA LEU A 357 -8.85 2.00 -36.43
C LEU A 357 -9.94 1.18 -35.78
N ILE A 358 -9.59 0.38 -34.78
CA ILE A 358 -10.55 -0.61 -34.23
C ILE A 358 -11.79 0.10 -33.68
N PRO A 359 -11.71 1.25 -32.96
CA PRO A 359 -12.92 1.85 -32.40
C PRO A 359 -13.91 2.20 -33.52
N GLN A 360 -13.41 2.59 -34.70
CA GLN A 360 -14.27 2.95 -35.86
C GLN A 360 -14.90 1.69 -36.45
N LEU A 361 -14.12 0.64 -36.67
CA LEU A 361 -14.63 -0.67 -37.15
C LEU A 361 -15.84 -1.08 -36.29
N HIS A 362 -15.70 -0.96 -34.97
CA HIS A 362 -16.71 -1.41 -33.97
C HIS A 362 -17.93 -0.50 -33.96
N ARG A 363 -17.90 0.65 -34.64
CA ARG A 363 -19.06 1.57 -34.77
C ARG A 363 -19.69 1.52 -36.17
N ASP A 364 -19.30 0.57 -37.02
CA ASP A 364 -19.81 0.48 -38.41
C ASP A 364 -21.32 0.16 -38.35
N LYS A 365 -22.17 1.14 -38.65
CA LYS A 365 -23.65 0.99 -38.57
C LYS A 365 -24.15 -0.08 -39.54
N THR A 366 -23.46 -0.33 -40.65
CA THR A 366 -23.86 -1.34 -41.67
C THR A 366 -23.73 -2.74 -41.06
N ILE A 367 -22.91 -2.90 -40.03
CA ILE A 367 -22.71 -4.19 -39.31
C ILE A 367 -23.61 -4.26 -38.07
N TRP A 368 -23.55 -3.25 -37.20
CA TRP A 368 -24.10 -3.36 -35.82
C TRP A 368 -25.53 -2.85 -35.76
N GLY A 369 -25.98 -2.07 -36.75
CA GLY A 369 -27.35 -1.56 -36.85
C GLY A 369 -27.51 -0.19 -36.20
N ASP A 370 -28.78 0.23 -36.05
CA ASP A 370 -29.18 1.55 -35.51
C ASP A 370 -28.71 1.71 -34.06
N ASP A 371 -28.71 0.64 -33.25
CA ASP A 371 -28.42 0.72 -31.79
C ASP A 371 -26.89 0.62 -31.53
N VAL A 372 -26.06 1.07 -32.47
CA VAL A 372 -24.58 0.88 -32.46
C VAL A 372 -23.95 1.58 -31.25
N GLU A 373 -24.45 2.74 -30.83
CA GLU A 373 -23.88 3.50 -29.68
C GLU A 373 -24.38 2.91 -28.34
N GLU A 374 -25.34 1.99 -28.35
CA GLU A 374 -25.93 1.43 -27.11
C GLU A 374 -25.03 0.29 -26.58
N PHE A 375 -24.93 0.23 -25.26
CA PHE A 375 -24.23 -0.87 -24.56
C PHE A 375 -25.22 -2.01 -24.38
N ARG A 376 -25.12 -3.03 -25.22
CA ARG A 376 -26.10 -4.14 -25.28
C ARG A 376 -25.31 -5.45 -25.44
N PRO A 377 -24.82 -6.04 -24.32
CA PRO A 377 -24.06 -7.29 -24.38
C PRO A 377 -24.75 -8.46 -25.09
N GLU A 378 -26.10 -8.45 -25.14
CA GLU A 378 -26.93 -9.51 -25.80
C GLU A 378 -26.54 -9.64 -27.28
N ARG A 379 -25.94 -8.63 -27.88
CA ARG A 379 -25.57 -8.70 -29.32
C ARG A 379 -24.46 -9.73 -29.53
N PHE A 380 -23.81 -10.19 -28.46
CA PHE A 380 -22.76 -11.25 -28.49
C PHE A 380 -23.34 -12.61 -28.09
N GLU A 381 -24.65 -12.80 -28.05
CA GLU A 381 -25.25 -14.12 -27.70
C GLU A 381 -24.74 -15.22 -28.67
N ASN A 382 -24.67 -14.91 -29.95
CA ASN A 382 -24.39 -15.91 -31.00
C ASN A 382 -23.24 -15.42 -31.88
N PRO A 383 -22.01 -15.96 -31.71
CA PRO A 383 -20.88 -15.55 -32.55
C PRO A 383 -21.13 -15.70 -34.06
N SER A 384 -21.94 -16.67 -34.47
CA SER A 384 -22.22 -16.95 -35.90
C SER A 384 -23.10 -15.85 -36.50
N ALA A 385 -23.76 -15.04 -35.66
CA ALA A 385 -24.63 -13.94 -36.10
C ALA A 385 -23.80 -12.66 -36.29
N ILE A 386 -22.51 -12.70 -35.98
CA ILE A 386 -21.65 -11.51 -36.14
C ILE A 386 -20.88 -11.65 -37.44
N PRO A 387 -20.95 -10.66 -38.37
CA PRO A 387 -20.27 -10.78 -39.65
C PRO A 387 -18.77 -10.99 -39.47
N GLN A 388 -18.19 -11.64 -40.46
CA GLN A 388 -16.74 -11.94 -40.49
C GLN A 388 -15.94 -10.64 -40.37
N HIS A 389 -14.94 -10.60 -39.49
CA HIS A 389 -13.96 -9.49 -39.35
C HIS A 389 -14.65 -8.20 -38.89
N ALA A 390 -15.82 -8.28 -38.26
CA ALA A 390 -16.51 -7.09 -37.72
C ALA A 390 -15.92 -6.69 -36.36
N PHE A 391 -15.28 -7.62 -35.67
CA PHE A 391 -14.93 -7.49 -34.23
C PHE A 391 -13.49 -7.97 -34.06
N LYS A 392 -12.55 -7.04 -33.88
N LYS A 392 -12.56 -7.02 -33.88
CA LYS A 392 -11.10 -7.36 -33.90
CA LYS A 392 -11.10 -7.34 -33.91
C LYS A 392 -10.37 -6.77 -32.70
C LYS A 392 -10.37 -6.76 -32.70
N PRO A 393 -10.88 -6.88 -31.46
CA PRO A 393 -10.18 -6.27 -30.31
C PRO A 393 -8.82 -6.91 -29.99
N PHE A 394 -8.54 -8.11 -30.51
CA PHE A 394 -7.33 -8.93 -30.25
C PHE A 394 -6.50 -9.06 -31.54
N GLY A 395 -6.78 -8.19 -32.51
CA GLY A 395 -6.04 -8.22 -33.77
C GLY A 395 -6.50 -9.32 -34.70
N ASN A 396 -5.60 -9.80 -35.57
CA ASN A 396 -5.98 -10.62 -36.73
C ASN A 396 -5.00 -11.76 -36.97
N GLY A 397 -5.56 -12.95 -37.23
CA GLY A 397 -4.83 -14.07 -37.85
C GLY A 397 -3.71 -14.60 -36.96
N GLN A 398 -2.59 -14.97 -37.55
CA GLN A 398 -1.45 -15.56 -36.80
C GLN A 398 -0.80 -14.53 -35.88
N ARG A 399 -1.00 -13.24 -36.17
CA ARG A 399 -0.44 -12.14 -35.33
C ARG A 399 -1.50 -11.57 -34.36
N ALA A 400 -2.59 -12.30 -34.11
CA ALA A 400 -3.57 -11.95 -33.08
C ALA A 400 -2.92 -12.08 -31.69
N CYS A 401 -3.58 -11.51 -30.70
CA CYS A 401 -3.12 -11.51 -29.31
C CYS A 401 -2.92 -12.94 -28.79
N ILE A 402 -1.71 -13.28 -28.40
CA ILE A 402 -1.46 -14.62 -27.75
C ILE A 402 -2.08 -14.62 -26.34
N GLY A 403 -2.25 -13.45 -25.73
CA GLY A 403 -2.75 -13.30 -24.35
C GLY A 403 -4.26 -13.26 -24.27
N GLN A 404 -5.01 -13.55 -25.34
CA GLN A 404 -6.48 -13.35 -25.38
C GLN A 404 -7.18 -14.18 -24.30
N GLN A 405 -6.81 -15.46 -24.17
N GLN A 405 -6.86 -15.47 -24.18
CA GLN A 405 -7.47 -16.39 -23.20
CA GLN A 405 -7.56 -16.35 -23.20
C GLN A 405 -7.14 -15.92 -21.79
C GLN A 405 -7.14 -15.95 -21.78
N PHE A 406 -5.89 -15.53 -21.59
CA PHE A 406 -5.37 -15.08 -20.26
C PHE A 406 -6.13 -13.81 -19.82
N ALA A 407 -6.23 -12.82 -20.71
CA ALA A 407 -6.90 -11.52 -20.41
C ALA A 407 -8.36 -11.78 -20.08
N LEU A 408 -9.05 -12.57 -20.90
CA LEU A 408 -10.51 -12.76 -20.75
C LEU A 408 -10.76 -13.59 -19.49
N HIS A 409 -9.86 -14.52 -19.15
CA HIS A 409 -10.05 -15.33 -17.92
C HIS A 409 -9.90 -14.41 -16.72
N GLU A 410 -8.81 -13.65 -16.65
CA GLU A 410 -8.56 -12.67 -15.54
C GLU A 410 -9.74 -11.69 -15.47
N ALA A 411 -10.13 -11.05 -16.57
CA ALA A 411 -11.17 -10.00 -16.56
C ALA A 411 -12.51 -10.58 -16.11
N THR A 412 -12.84 -11.79 -16.56
CA THR A 412 -14.13 -12.44 -16.21
C THR A 412 -14.13 -12.81 -14.72
N LEU A 413 -13.03 -13.35 -14.23
CA LEU A 413 -12.87 -13.69 -12.79
C LEU A 413 -13.08 -12.42 -11.95
N VAL A 414 -12.35 -11.36 -12.27
CA VAL A 414 -12.31 -10.13 -11.44
C VAL A 414 -13.66 -9.43 -11.51
N LEU A 415 -14.22 -9.26 -12.70
CA LEU A 415 -15.55 -8.58 -12.84
C LEU A 415 -16.62 -9.41 -12.12
N GLY A 416 -16.59 -10.74 -12.27
CA GLY A 416 -17.53 -11.62 -11.55
C GLY A 416 -17.45 -11.41 -10.03
N MET A 417 -16.25 -11.44 -9.46
CA MET A 417 -16.04 -11.23 -8.01
C MET A 417 -16.48 -9.82 -7.60
N MET A 418 -16.17 -8.79 -8.39
CA MET A 418 -16.64 -7.40 -8.10
C MET A 418 -18.16 -7.36 -8.02
N LEU A 419 -18.84 -8.01 -8.97
CA LEU A 419 -20.32 -7.96 -9.07
C LEU A 419 -20.95 -8.81 -7.96
N LYS A 420 -20.25 -9.84 -7.49
CA LYS A 420 -20.74 -10.68 -6.37
C LYS A 420 -20.67 -9.88 -5.06
N HIS A 421 -19.58 -9.13 -4.86
CA HIS A 421 -19.18 -8.60 -3.53
C HIS A 421 -19.70 -7.18 -3.25
N PHE A 422 -19.99 -6.37 -4.28
CA PHE A 422 -20.34 -4.95 -4.13
C PHE A 422 -21.50 -4.53 -5.05
N ASP A 423 -22.27 -3.56 -4.55
CA ASP A 423 -23.13 -2.65 -5.36
C ASP A 423 -22.25 -1.45 -5.71
N PHE A 424 -22.47 -0.82 -6.86
CA PHE A 424 -21.65 0.33 -7.29
C PHE A 424 -22.51 1.57 -7.49
N GLU A 425 -21.97 2.73 -7.14
CA GLU A 425 -22.59 4.05 -7.38
C GLU A 425 -21.66 4.91 -8.24
N ASP A 426 -22.20 5.47 -9.32
CA ASP A 426 -21.55 6.55 -10.11
C ASP A 426 -21.79 7.87 -9.38
N HIS A 427 -21.10 8.09 -8.25
CA HIS A 427 -21.44 9.15 -7.28
C HIS A 427 -21.14 10.53 -7.87
N THR A 428 -20.27 10.65 -8.88
CA THR A 428 -19.88 11.95 -9.47
C THR A 428 -20.61 12.20 -10.79
N ASN A 429 -21.38 11.25 -11.31
CA ASN A 429 -21.93 11.31 -12.69
C ASN A 429 -20.75 11.52 -13.65
N TYR A 430 -19.80 10.60 -13.60
CA TYR A 430 -18.49 10.72 -14.27
C TYR A 430 -18.70 10.96 -15.76
N GLU A 431 -17.98 11.95 -16.29
CA GLU A 431 -17.95 12.24 -17.74
C GLU A 431 -16.72 11.53 -18.31
N LEU A 432 -16.93 10.64 -19.26
CA LEU A 432 -15.82 9.83 -19.82
C LEU A 432 -14.72 10.74 -20.39
N ASP A 433 -13.49 10.49 -19.95
CA ASP A 433 -12.26 11.20 -20.34
C ASP A 433 -11.22 10.11 -20.61
N ILE A 434 -10.71 10.01 -21.84
CA ILE A 434 -9.93 8.80 -22.22
C ILE A 434 -8.48 9.22 -22.37
N LYS A 435 -7.63 8.65 -21.53
CA LYS A 435 -6.18 8.89 -21.56
C LYS A 435 -5.57 7.88 -22.54
N GLU A 436 -4.57 8.29 -23.31
CA GLU A 436 -3.90 7.39 -24.29
C GLU A 436 -2.44 7.20 -23.90
N THR A 437 -2.03 5.94 -23.89
CA THR A 437 -0.61 5.50 -23.82
C THR A 437 -0.40 4.70 -25.11
N LEU A 438 -0.01 3.43 -25.03
CA LEU A 438 -0.20 2.49 -26.16
C LEU A 438 -1.68 2.15 -26.24
N THR A 439 -2.40 2.32 -25.13
CA THR A 439 -3.80 1.87 -24.97
C THR A 439 -4.69 3.01 -24.45
N LEU A 440 -5.98 2.73 -24.43
CA LEU A 440 -7.04 3.65 -24.00
C LEU A 440 -7.45 3.24 -22.59
N LYS A 441 -7.54 4.22 -21.69
CA LYS A 441 -8.15 4.02 -20.36
C LYS A 441 -8.99 5.21 -19.96
N PRO A 442 -10.12 4.99 -19.24
N PRO A 442 -10.06 5.04 -19.15
CA PRO A 442 -10.80 6.08 -18.55
CA PRO A 442 -10.87 6.17 -18.65
C PRO A 442 -9.73 6.73 -17.66
C PRO A 442 -10.27 6.91 -17.45
N GLU A 443 -9.66 8.06 -17.71
CA GLU A 443 -8.90 8.84 -16.70
C GLU A 443 -9.87 9.46 -15.71
N GLY A 444 -9.54 9.37 -14.42
CA GLY A 444 -10.31 10.04 -13.35
C GLY A 444 -11.63 9.34 -13.06
N PHE A 445 -11.84 8.14 -13.59
CA PHE A 445 -13.09 7.39 -13.31
C PHE A 445 -13.08 6.89 -11.86
N VAL A 446 -14.09 7.31 -11.09
CA VAL A 446 -14.20 6.98 -9.65
C VAL A 446 -15.61 6.48 -9.40
N VAL A 447 -15.76 5.56 -8.45
CA VAL A 447 -17.07 5.01 -8.03
C VAL A 447 -17.01 4.86 -6.51
N LYS A 448 -18.17 4.69 -5.90
N LYS A 448 -18.17 4.69 -5.90
CA LYS A 448 -18.32 4.21 -4.51
CA LYS A 448 -18.32 4.23 -4.50
C LYS A 448 -18.87 2.78 -4.60
C LYS A 448 -18.91 2.82 -4.55
N ALA A 449 -18.40 1.92 -3.71
CA ALA A 449 -18.88 0.54 -3.61
C ALA A 449 -19.64 0.40 -2.29
N LYS A 450 -20.72 -0.35 -2.26
CA LYS A 450 -21.35 -0.75 -0.99
C LYS A 450 -21.20 -2.27 -0.90
N SER A 451 -20.54 -2.72 0.15
CA SER A 451 -20.29 -4.16 0.36
C SER A 451 -21.65 -4.85 0.48
N LYS A 452 -21.82 -6.00 -0.15
CA LYS A 452 -22.96 -6.91 0.12
C LYS A 452 -22.62 -7.80 1.32
N LYS A 453 -21.44 -7.61 1.95
CA LYS A 453 -21.03 -8.28 3.21
C LYS A 453 -21.04 -9.80 3.03
N ILE A 454 -20.50 -10.29 1.90
CA ILE A 454 -20.35 -11.74 1.63
C ILE A 454 -18.90 -12.11 1.93
N PRO A 455 -18.68 -13.05 2.88
CA PRO A 455 -17.32 -13.41 3.30
C PRO A 455 -16.52 -14.05 2.16
N LEU A 456 -15.20 -13.86 2.16
CA LEU A 456 -14.26 -14.63 1.32
C LEU A 456 -13.81 -15.87 2.08
N THR B 2 20.86 12.13 56.60
CA THR B 2 21.28 13.56 56.86
C THR B 2 21.17 14.37 55.55
N ILE B 3 20.70 15.62 55.67
CA ILE B 3 20.41 16.55 54.53
C ILE B 3 21.68 16.76 53.71
N LYS B 4 21.58 16.65 52.39
CA LYS B 4 22.72 16.58 51.45
C LYS B 4 22.43 17.45 50.22
N GLU B 5 23.47 18.09 49.67
CA GLU B 5 23.41 18.85 48.40
C GLU B 5 23.27 17.83 47.25
N MET B 6 22.45 18.17 46.28
CA MET B 6 22.15 17.31 45.11
C MET B 6 23.19 17.59 44.03
N PRO B 7 23.74 16.58 43.34
CA PRO B 7 24.61 16.87 42.20
C PRO B 7 23.83 17.57 41.09
N GLN B 8 24.58 18.32 40.29
CA GLN B 8 24.07 19.08 39.13
C GLN B 8 25.08 18.93 38.00
N PRO B 9 24.64 18.71 36.75
CA PRO B 9 25.55 18.67 35.62
C PRO B 9 26.09 20.05 35.22
N LYS B 10 26.96 20.07 34.21
CA LYS B 10 27.71 21.28 33.80
C LYS B 10 26.73 22.39 33.38
N THR B 11 27.10 23.65 33.68
CA THR B 11 26.28 24.85 33.41
C THR B 11 26.84 25.68 32.26
N PHE B 12 25.98 26.54 31.72
CA PHE B 12 26.22 27.40 30.53
C PHE B 12 25.85 28.85 30.88
N GLY B 13 26.43 29.38 31.95
CA GLY B 13 26.12 30.73 32.45
C GLY B 13 24.63 30.88 32.71
N GLU B 14 24.03 31.93 32.14
CA GLU B 14 22.60 32.33 32.31
C GLU B 14 21.64 31.20 31.91
N LEU B 15 21.99 30.38 30.91
CA LEU B 15 21.11 29.27 30.41
C LEU B 15 21.19 28.05 31.35
N LYS B 16 22.05 28.12 32.37
CA LYS B 16 22.18 27.07 33.40
C LYS B 16 22.40 25.73 32.69
N ASN B 17 21.55 24.72 32.90
CA ASN B 17 21.74 23.38 32.28
C ASN B 17 21.03 23.26 30.94
N LEU B 18 20.25 24.26 30.52
CA LEU B 18 19.31 24.09 29.38
C LEU B 18 20.01 23.57 28.12
N PRO B 19 21.22 24.05 27.73
CA PRO B 19 21.82 23.54 26.50
C PRO B 19 22.18 22.04 26.46
N LEU B 20 22.19 21.34 27.60
CA LEU B 20 22.47 19.88 27.65
C LEU B 20 21.40 19.13 26.86
N LEU B 21 20.19 19.68 26.75
CA LEU B 21 19.04 19.01 26.08
C LEU B 21 18.81 19.60 24.69
N ASN B 22 19.73 20.46 24.21
CA ASN B 22 19.73 20.91 22.80
C ASN B 22 20.35 19.78 21.97
N THR B 23 19.59 18.70 21.79
CA THR B 23 20.00 17.46 21.07
C THR B 23 18.72 16.77 20.56
N ASP B 24 18.84 15.91 19.54
N ASP B 24 18.90 15.95 19.51
CA ASP B 24 17.68 15.12 19.04
CA ASP B 24 17.90 15.00 18.94
C ASP B 24 17.46 13.92 19.96
C ASP B 24 17.47 13.97 19.98
N LYS B 25 18.35 13.68 20.95
CA LYS B 25 18.26 12.53 21.88
C LYS B 25 18.39 12.99 23.33
N PRO B 26 17.45 13.83 23.82
CA PRO B 26 17.53 14.34 25.19
C PRO B 26 17.43 13.27 26.29
N VAL B 27 16.56 12.27 26.13
CA VAL B 27 16.42 11.20 27.15
C VAL B 27 17.75 10.45 27.28
N GLN B 28 18.37 10.10 26.16
CA GLN B 28 19.69 9.42 26.15
C GLN B 28 20.78 10.33 26.77
N ALA B 29 20.72 11.65 26.57
CA ALA B 29 21.64 12.62 27.22
C ALA B 29 21.46 12.55 28.74
N LEU B 30 20.22 12.56 29.20
CA LEU B 30 19.88 12.46 30.65
C LEU B 30 20.35 11.11 31.21
N MET B 31 20.29 10.04 30.43
CA MET B 31 20.75 8.72 30.90
C MET B 31 22.26 8.78 31.15
N LYS B 32 23.00 9.43 30.26
CA LYS B 32 24.48 9.59 30.42
C LYS B 32 24.79 10.45 31.64
N ILE B 33 24.02 11.53 31.86
CA ILE B 33 24.15 12.40 33.08
C ILE B 33 23.87 11.56 34.32
N ALA B 34 22.80 10.75 34.31
CA ALA B 34 22.47 9.85 35.45
C ALA B 34 23.64 8.88 35.70
N ASP B 35 24.27 8.35 34.65
CA ASP B 35 25.38 7.37 34.82
C ASP B 35 26.54 8.07 35.54
N GLU B 36 26.80 9.36 35.26
CA GLU B 36 27.87 10.16 35.90
C GLU B 36 27.49 10.53 37.33
N LEU B 37 26.28 11.06 37.55
CA LEU B 37 25.94 11.78 38.82
C LEU B 37 25.20 10.88 39.81
N GLY B 38 24.54 9.83 39.33
CA GLY B 38 23.95 8.80 40.22
C GLY B 38 22.43 8.93 40.35
N GLU B 39 21.90 8.56 41.51
CA GLU B 39 20.47 8.26 41.71
C GLU B 39 19.60 9.52 41.61
N ILE B 40 20.19 10.71 41.78
CA ILE B 40 19.41 11.98 41.72
C ILE B 40 20.34 13.12 41.27
N PHE B 41 19.84 13.99 40.41
CA PHE B 41 20.53 15.25 40.08
C PHE B 41 19.48 16.33 39.83
N LYS B 42 19.86 17.57 40.11
CA LYS B 42 19.00 18.73 39.81
C LYS B 42 19.43 19.26 38.46
N PHE B 43 18.45 19.77 37.73
CA PHE B 43 18.60 20.30 36.37
C PHE B 43 17.92 21.66 36.37
N GLU B 44 18.68 22.72 36.09
CA GLU B 44 18.14 24.09 36.15
C GLU B 44 18.08 24.65 34.75
N ALA B 45 17.02 25.40 34.46
CA ALA B 45 16.87 26.23 33.25
C ALA B 45 16.37 27.57 33.73
N PRO B 46 16.37 28.63 32.89
CA PRO B 46 15.79 29.91 33.29
C PRO B 46 14.35 29.69 33.79
N GLY B 47 14.11 29.94 35.09
CA GLY B 47 12.78 29.93 35.74
C GLY B 47 12.25 28.53 36.04
N ARG B 48 13.11 27.50 36.05
CA ARG B 48 12.62 26.11 36.15
C ARG B 48 13.68 25.26 36.83
N VAL B 49 13.26 24.41 37.77
CA VAL B 49 14.15 23.35 38.34
C VAL B 49 13.39 22.02 38.23
N THR B 50 14.07 20.99 37.75
CA THR B 50 13.58 19.60 37.75
C THR B 50 14.61 18.74 38.50
N ARG B 51 14.19 17.70 39.21
CA ARG B 51 15.14 16.69 39.74
C ARG B 51 14.91 15.34 39.07
N TYR B 52 15.95 14.73 38.53
CA TYR B 52 15.88 13.43 37.81
C TYR B 52 16.24 12.29 38.77
N LEU B 53 15.32 11.32 38.92
CA LEU B 53 15.47 10.14 39.80
C LEU B 53 15.80 8.90 38.95
N SER B 54 16.76 8.09 39.42
CA SER B 54 17.27 6.89 38.70
C SER B 54 17.25 5.63 39.56
N SER B 55 17.15 5.72 40.88
CA SER B 55 17.29 4.56 41.78
C SER B 55 15.91 4.08 42.19
N GLN B 56 15.78 2.77 42.40
CA GLN B 56 14.53 2.18 42.93
C GLN B 56 14.28 2.74 44.34
N ARG B 57 15.34 2.97 45.11
CA ARG B 57 15.24 3.49 46.50
C ARG B 57 14.43 4.79 46.50
N LEU B 58 14.78 5.76 45.64
CA LEU B 58 14.09 7.08 45.59
C LEU B 58 12.78 6.99 44.81
N ILE B 59 12.77 6.26 43.69
CA ILE B 59 11.53 6.13 42.86
C ILE B 59 10.41 5.46 43.66
N LYS B 60 10.72 4.50 44.53
CA LYS B 60 9.65 3.86 45.32
C LYS B 60 8.96 4.94 46.17
N GLU B 61 9.72 5.91 46.71
CA GLU B 61 9.14 7.01 47.53
C GLU B 61 8.32 7.93 46.63
N ALA B 62 8.86 8.31 45.48
CA ALA B 62 8.19 9.21 44.51
C ALA B 62 6.84 8.60 44.09
N CYS B 63 6.71 7.28 44.13
CA CYS B 63 5.51 6.52 43.69
C CYS B 63 4.51 6.37 44.84
N ASP B 64 4.77 6.97 46.01
CA ASP B 64 3.81 7.12 47.13
C ASP B 64 2.79 8.23 46.79
N GLU B 65 1.56 7.83 46.47
CA GLU B 65 0.52 8.73 45.94
C GLU B 65 0.01 9.68 47.03
N SER B 66 0.35 9.39 48.30
N SER B 66 0.30 9.41 48.31
CA SER B 66 0.03 10.24 49.49
CA SER B 66 -0.03 10.34 49.43
C SER B 66 1.02 11.39 49.61
C SER B 66 0.91 11.55 49.38
N ARG B 67 2.15 11.35 48.91
CA ARG B 67 3.19 12.42 48.93
C ARG B 67 3.36 13.08 47.57
N PHE B 68 3.12 12.35 46.48
CA PHE B 68 3.42 12.83 45.11
C PHE B 68 2.24 12.49 44.19
N ASP B 69 1.97 13.39 43.26
CA ASP B 69 0.90 13.22 42.23
C ASP B 69 1.56 13.41 40.86
N LYS B 70 0.87 12.97 39.81
CA LYS B 70 1.37 13.15 38.43
C LYS B 70 1.50 14.65 38.15
N ASN B 71 2.64 15.03 37.59
CA ASN B 71 2.90 16.40 37.09
C ASN B 71 2.79 16.37 35.57
N LEU B 72 2.26 17.42 34.95
CA LEU B 72 2.45 17.62 33.48
C LEU B 72 3.82 18.24 33.29
N SER B 73 4.77 17.44 32.81
CA SER B 73 6.08 17.88 32.29
C SER B 73 5.82 19.00 31.27
N GLN B 74 6.81 19.85 31.01
CA GLN B 74 6.66 20.86 29.95
C GLN B 74 6.29 20.16 28.63
N ALA B 75 6.81 18.97 28.34
CA ALA B 75 6.44 18.22 27.11
C ALA B 75 4.93 17.98 27.07
N LEU B 76 4.36 17.44 28.15
CA LEU B 76 2.90 17.14 28.25
C LEU B 76 2.10 18.45 28.18
N LYS B 77 2.63 19.54 28.73
CA LYS B 77 1.94 20.85 28.64
C LYS B 77 1.83 21.27 27.16
N PHE B 78 2.88 21.05 26.36
CA PHE B 78 2.83 21.38 24.92
C PHE B 78 1.91 20.40 24.21
N VAL B 79 1.91 19.12 24.57
CA VAL B 79 1.02 18.12 23.90
C VAL B 79 -0.44 18.45 24.24
N ARG B 80 -0.68 18.98 25.44
CA ARG B 80 -2.03 19.40 25.92
C ARG B 80 -2.68 20.40 24.95
N ASP B 81 -1.90 21.18 24.20
CA ASP B 81 -2.47 22.10 23.18
C ASP B 81 -3.29 21.33 22.13
N PHE B 82 -3.08 20.03 21.93
CA PHE B 82 -3.96 19.25 21.03
C PHE B 82 -4.59 18.01 21.69
N ALA B 83 -4.04 17.49 22.80
CA ALA B 83 -4.61 16.33 23.53
C ALA B 83 -5.55 16.82 24.63
N GLY B 84 -5.58 18.13 24.87
CA GLY B 84 -6.54 18.79 25.77
C GLY B 84 -6.58 18.15 27.15
N ASP B 85 -7.79 17.96 27.66
CA ASP B 85 -7.95 17.34 29.00
C ASP B 85 -8.37 15.88 28.79
N GLY B 86 -7.75 15.21 27.80
CA GLY B 86 -7.79 13.75 27.72
C GLY B 86 -7.08 13.16 28.90
N LEU B 87 -7.15 11.83 29.08
CA LEU B 87 -6.65 11.18 30.31
C LEU B 87 -5.16 11.44 30.53
N PHE B 88 -4.36 11.47 29.47
CA PHE B 88 -2.88 11.55 29.55
C PHE B 88 -2.40 12.96 29.91
N THR B 89 -3.09 14.00 29.45
CA THR B 89 -2.65 15.41 29.62
C THR B 89 -3.60 16.19 30.54
N SER B 90 -4.37 15.49 31.38
CA SER B 90 -5.18 16.15 32.44
C SER B 90 -4.49 16.01 33.80
N TRP B 91 -4.69 17.01 34.66
CA TRP B 91 -4.26 16.94 36.08
C TRP B 91 -5.24 16.03 36.82
N THR B 92 -4.79 15.33 37.85
CA THR B 92 -5.61 14.39 38.68
C THR B 92 -6.80 15.16 39.29
N HIS B 93 -6.66 16.46 39.53
CA HIS B 93 -7.68 17.29 40.23
C HIS B 93 -8.67 17.91 39.26
N GLU B 94 -8.48 17.81 37.94
CA GLU B 94 -9.47 18.31 36.96
C GLU B 94 -10.63 17.32 36.94
N LYS B 95 -11.86 17.83 36.93
CA LYS B 95 -13.08 16.98 36.98
C LYS B 95 -13.06 15.92 35.86
N ASN B 96 -12.59 16.28 34.67
CA ASN B 96 -12.62 15.39 33.49
C ASN B 96 -11.63 14.23 33.62
N TRP B 97 -10.61 14.32 34.52
CA TRP B 97 -9.69 13.18 34.71
C TRP B 97 -10.49 12.01 35.32
N LYS B 98 -11.03 12.18 36.52
CA LYS B 98 -11.65 11.05 37.26
C LYS B 98 -12.90 10.62 36.49
N LYS B 99 -13.62 11.54 35.87
CA LYS B 99 -14.84 11.21 35.12
C LYS B 99 -14.50 10.28 33.95
N ALA B 100 -13.56 10.66 33.09
CA ALA B 100 -13.13 9.84 31.95
C ALA B 100 -12.54 8.51 32.46
N HIS B 101 -11.77 8.54 33.54
CA HIS B 101 -11.09 7.34 34.11
C HIS B 101 -12.18 6.32 34.49
N ASN B 102 -13.20 6.76 35.22
CA ASN B 102 -14.30 5.87 35.65
C ASN B 102 -15.07 5.31 34.46
N ILE B 103 -15.32 6.12 33.44
CA ILE B 103 -16.10 5.68 32.24
C ILE B 103 -15.25 4.70 31.44
N LEU B 104 -13.96 4.97 31.28
CA LEU B 104 -13.11 4.21 30.33
C LEU B 104 -12.42 2.98 30.97
N LEU B 105 -12.26 2.88 32.29
CA LEU B 105 -11.57 1.72 32.90
C LEU B 105 -12.14 0.39 32.40
N PRO B 106 -13.47 0.16 32.43
CA PRO B 106 -14.05 -1.13 31.99
C PRO B 106 -13.80 -1.45 30.50
N SER B 107 -13.60 -0.42 29.67
CA SER B 107 -13.28 -0.58 28.23
C SER B 107 -11.84 -1.10 28.04
N PHE B 108 -10.99 -1.06 29.06
CA PHE B 108 -9.53 -1.31 28.94
C PHE B 108 -9.12 -2.53 29.77
N SER B 109 -10.08 -3.21 30.38
CA SER B 109 -9.80 -4.32 31.33
C SER B 109 -9.35 -5.56 30.54
N GLN B 110 -8.72 -6.50 31.24
CA GLN B 110 -8.36 -7.81 30.65
C GLN B 110 -9.62 -8.43 30.05
N GLN B 111 -10.74 -8.41 30.77
CA GLN B 111 -12.06 -8.89 30.27
C GLN B 111 -12.37 -8.23 28.91
N ALA B 112 -12.18 -6.91 28.73
CA ALA B 112 -12.59 -6.19 27.49
C ALA B 112 -11.73 -6.63 26.30
N MET B 113 -10.53 -7.13 26.54
CA MET B 113 -9.61 -7.56 25.45
C MET B 113 -10.26 -8.69 24.64
N LYS B 114 -11.16 -9.49 25.23
CA LYS B 114 -11.84 -10.58 24.49
C LYS B 114 -12.60 -9.97 23.30
N GLY B 115 -13.17 -8.79 23.52
CA GLY B 115 -13.96 -8.04 22.54
C GLY B 115 -13.12 -7.41 21.45
N TYR B 116 -11.89 -6.97 21.74
CA TYR B 116 -11.03 -6.28 20.73
C TYR B 116 -10.26 -7.31 19.91
N HIS B 117 -10.16 -8.54 20.42
CA HIS B 117 -9.23 -9.57 19.89
C HIS B 117 -9.44 -9.74 18.37
N ALA B 118 -10.68 -9.86 17.90
CA ALA B 118 -10.96 -10.17 16.48
C ALA B 118 -10.42 -9.05 15.59
N MET B 119 -10.57 -7.79 16.05
N MET B 119 -10.51 -7.79 16.02
CA MET B 119 -10.12 -6.58 15.33
CA MET B 119 -10.05 -6.69 15.15
C MET B 119 -8.57 -6.57 15.29
C MET B 119 -8.52 -6.53 15.27
N MET B 120 -7.91 -6.89 16.41
CA MET B 120 -6.43 -6.98 16.46
C MET B 120 -5.94 -8.04 15.46
N VAL B 121 -6.63 -9.16 15.40
CA VAL B 121 -6.23 -10.29 14.50
C VAL B 121 -6.33 -9.79 13.05
N ASP B 122 -7.34 -8.96 12.75
CA ASP B 122 -7.56 -8.46 11.37
C ASP B 122 -6.28 -7.74 10.92
N ILE B 123 -5.76 -6.85 11.75
CA ILE B 123 -4.56 -6.06 11.40
C ILE B 123 -3.31 -6.97 11.45
N ALA B 124 -3.17 -7.81 12.47
CA ALA B 124 -2.02 -8.75 12.59
C ALA B 124 -1.92 -9.64 11.34
N VAL B 125 -3.04 -10.16 10.85
CA VAL B 125 -3.06 -11.03 9.63
C VAL B 125 -2.60 -10.16 8.44
N GLN B 126 -2.97 -8.87 8.38
CA GLN B 126 -2.50 -7.97 7.30
C GLN B 126 -0.98 -7.86 7.30
N LEU B 127 -0.36 -7.72 8.49
N LEU B 127 -0.37 -7.74 8.49
CA LEU B 127 1.12 -7.66 8.62
CA LEU B 127 1.11 -7.65 8.61
C LEU B 127 1.71 -8.98 8.12
C LEU B 127 1.73 -8.98 8.15
N VAL B 128 1.20 -10.11 8.59
CA VAL B 128 1.77 -11.44 8.21
C VAL B 128 1.68 -11.60 6.69
N GLN B 129 0.56 -11.21 6.07
CA GLN B 129 0.35 -11.32 4.60
C GLN B 129 1.34 -10.41 3.88
N LYS B 130 1.56 -9.19 4.38
CA LYS B 130 2.54 -8.27 3.76
C LYS B 130 3.89 -8.98 3.70
N TRP B 131 4.32 -9.56 4.81
CA TRP B 131 5.68 -10.16 4.88
C TRP B 131 5.74 -11.44 4.04
N GLU B 132 4.68 -12.25 4.02
CA GLU B 132 4.60 -13.48 3.19
C GLU B 132 4.76 -13.12 1.70
N ARG B 133 4.42 -11.88 1.34
CA ARG B 133 4.34 -11.44 -0.07
C ARG B 133 5.60 -10.70 -0.48
N LEU B 134 6.61 -10.57 0.39
CA LEU B 134 7.88 -9.95 -0.03
C LEU B 134 8.62 -10.95 -0.92
N ASN B 135 9.37 -10.41 -1.86
CA ASN B 135 10.29 -11.18 -2.74
C ASN B 135 11.60 -11.46 -1.99
N ALA B 136 12.35 -12.47 -2.43
CA ALA B 136 13.65 -12.91 -1.86
C ALA B 136 14.60 -11.73 -1.64
N ASP B 137 14.64 -10.80 -2.59
CA ASP B 137 15.59 -9.65 -2.63
C ASP B 137 15.27 -8.57 -1.57
N GLU B 138 14.17 -8.69 -0.81
CA GLU B 138 13.57 -7.51 -0.13
C GLU B 138 13.85 -7.60 1.36
N HIS B 139 13.66 -6.51 2.08
CA HIS B 139 13.78 -6.50 3.56
C HIS B 139 12.57 -5.80 4.16
N ILE B 140 12.46 -5.92 5.47
CA ILE B 140 11.40 -5.31 6.31
C ILE B 140 11.98 -4.08 6.99
N GLU B 141 11.25 -2.96 6.89
CA GLU B 141 11.48 -1.75 7.70
C GLU B 141 10.66 -1.92 9.00
N VAL B 142 11.31 -2.30 10.10
CA VAL B 142 10.59 -2.85 11.28
C VAL B 142 9.74 -1.76 11.93
N PRO B 143 10.30 -0.64 12.44
CA PRO B 143 9.46 0.35 13.11
C PRO B 143 8.36 0.90 12.18
N GLU B 144 8.65 1.00 10.88
CA GLU B 144 7.67 1.48 9.86
C GLU B 144 6.48 0.52 9.87
N ASP B 145 6.70 -0.79 9.75
CA ASP B 145 5.59 -1.76 9.66
C ASP B 145 4.90 -1.94 11.02
N MET B 146 5.64 -1.86 12.12
CA MET B 146 5.04 -2.02 13.46
C MET B 146 4.13 -0.81 13.72
N THR B 147 4.52 0.37 13.25
CA THR B 147 3.71 1.60 13.44
C THR B 147 2.47 1.56 12.55
N ARG B 148 2.58 1.07 11.31
CA ARG B 148 1.42 0.81 10.43
C ARG B 148 0.44 -0.07 11.22
N LEU B 149 0.95 -1.14 11.82
CA LEU B 149 0.10 -2.11 12.55
C LEU B 149 -0.59 -1.44 13.75
N THR B 150 0.16 -0.83 14.67
CA THR B 150 -0.44 -0.39 15.96
C THR B 150 -1.41 0.76 15.70
N LEU B 151 -1.10 1.62 14.74
CA LEU B 151 -2.02 2.72 14.39
C LEU B 151 -3.33 2.15 13.83
N ASP B 152 -3.25 1.16 12.94
CA ASP B 152 -4.45 0.52 12.36
C ASP B 152 -5.25 -0.17 13.45
N THR B 153 -4.59 -0.80 14.42
CA THR B 153 -5.29 -1.55 15.48
C THR B 153 -6.13 -0.56 16.30
N ILE B 154 -5.56 0.58 16.66
CA ILE B 154 -6.30 1.54 17.53
C ILE B 154 -7.39 2.27 16.72
N GLY B 155 -7.18 2.52 15.42
CA GLY B 155 -8.26 3.05 14.58
C GLY B 155 -9.48 2.15 14.57
N LEU B 156 -9.28 0.84 14.44
N LEU B 156 -9.29 0.85 14.34
CA LEU B 156 -10.37 -0.15 14.28
CA LEU B 156 -10.38 -0.15 14.33
C LEU B 156 -11.02 -0.47 15.64
C LEU B 156 -11.02 -0.23 15.71
N CYS B 157 -10.24 -0.64 16.71
CA CYS B 157 -10.76 -0.86 18.10
C CYS B 157 -11.29 0.46 18.70
N GLY B 158 -10.69 1.58 18.33
CA GLY B 158 -11.03 2.91 18.87
C GLY B 158 -12.37 3.39 18.33
N PHE B 159 -12.55 3.38 17.02
CA PHE B 159 -13.75 3.99 16.40
C PHE B 159 -14.04 3.37 15.04
N ASN B 160 -13.65 2.12 14.85
CA ASN B 160 -14.11 1.34 13.67
C ASN B 160 -13.73 2.14 12.41
N TYR B 161 -12.56 2.73 12.40
CA TYR B 161 -11.99 3.49 11.26
C TYR B 161 -10.75 2.75 10.75
N ARG B 162 -10.70 2.50 9.44
CA ARG B 162 -9.52 1.86 8.80
C ARG B 162 -8.57 2.91 8.23
N PHE B 163 -7.41 3.10 8.86
CA PHE B 163 -6.31 3.91 8.30
C PHE B 163 -5.71 3.22 7.05
N ASN B 164 -5.87 1.91 6.89
CA ASN B 164 -5.39 1.18 5.68
C ASN B 164 -3.90 1.47 5.48
N SER B 165 -3.13 1.46 6.56
CA SER B 165 -1.69 1.83 6.55
C SER B 165 -0.89 0.86 5.67
N PHE B 166 -1.34 -0.38 5.52
CA PHE B 166 -0.61 -1.36 4.70
C PHE B 166 -0.92 -1.15 3.22
N TYR B 167 -1.85 -0.24 2.87
CA TYR B 167 -2.21 0.11 1.47
C TYR B 167 -1.41 1.36 1.03
N ARG B 168 -0.53 1.90 1.89
CA ARG B 168 0.09 3.24 1.66
C ARG B 168 1.60 3.26 1.85
N ASP B 169 2.26 4.14 1.10
CA ASP B 169 3.65 4.61 1.33
C ASP B 169 3.61 5.88 2.19
N GLN B 170 2.59 6.73 2.02
CA GLN B 170 2.42 8.03 2.72
C GLN B 170 1.31 7.94 3.75
N PRO B 171 1.55 8.42 4.99
CA PRO B 171 0.52 8.39 6.03
C PRO B 171 -0.79 9.08 5.62
N HIS B 172 -1.91 8.55 6.13
CA HIS B 172 -3.19 9.27 6.25
C HIS B 172 -2.88 10.70 6.70
N PRO B 173 -3.57 11.73 6.14
CA PRO B 173 -3.33 13.12 6.50
C PRO B 173 -3.46 13.49 7.99
N PHE B 174 -4.33 12.81 8.72
CA PHE B 174 -4.46 12.99 10.19
C PHE B 174 -3.09 12.72 10.83
N ILE B 175 -2.44 11.63 10.40
CA ILE B 175 -1.15 11.13 10.97
C ILE B 175 -0.07 12.16 10.66
N THR B 176 -0.05 12.68 9.42
CA THR B 176 0.92 13.74 9.03
C THR B 176 0.82 14.89 10.02
N SER B 177 -0.37 15.42 10.30
CA SER B 177 -0.54 16.58 11.20
C SER B 177 -0.22 16.19 12.64
N MET B 178 -0.61 14.98 13.06
CA MET B 178 -0.33 14.50 14.44
C MET B 178 1.18 14.38 14.66
N VAL B 179 1.92 13.73 13.75
CA VAL B 179 3.41 13.57 13.88
C VAL B 179 4.07 14.95 13.92
N ARG B 180 3.63 15.89 13.09
CA ARG B 180 4.22 17.25 13.01
C ARG B 180 3.89 18.05 14.29
N ALA B 181 2.71 17.88 14.85
CA ALA B 181 2.35 18.52 16.14
C ALA B 181 3.21 17.96 17.27
N LEU B 182 3.38 16.63 17.34
CA LEU B 182 4.25 15.97 18.37
C LEU B 182 5.69 16.48 18.21
N ASP B 183 6.14 16.63 16.98
CA ASP B 183 7.50 17.17 16.68
C ASP B 183 7.58 18.61 17.19
N GLU B 184 6.59 19.46 16.91
CA GLU B 184 6.62 20.88 17.34
C GLU B 184 6.61 20.93 18.88
N ALA B 185 5.77 20.14 19.54
CA ALA B 185 5.67 20.12 21.01
C ALA B 185 7.03 19.79 21.61
N MET B 186 7.72 18.78 21.08
CA MET B 186 9.02 18.33 21.64
C MET B 186 10.12 19.36 21.28
N ASN B 187 10.09 19.93 20.08
CA ASN B 187 11.13 20.93 19.64
C ASN B 187 11.02 22.20 20.50
N LYS B 188 9.83 22.58 20.95
CA LYS B 188 9.63 23.84 21.72
C LYS B 188 10.37 23.77 23.07
N LEU B 189 10.67 22.56 23.57
CA LEU B 189 11.44 22.39 24.83
C LEU B 189 12.82 23.05 24.70
N GLN B 190 13.35 23.16 23.48
CA GLN B 190 14.77 23.54 23.20
C GLN B 190 14.84 24.96 22.65
N ARG B 191 13.73 25.69 22.60
CA ARG B 191 13.71 27.10 22.13
C ARG B 191 13.94 28.02 23.34
N ALA B 192 15.22 28.29 23.66
CA ALA B 192 15.67 29.27 24.67
C ALA B 192 14.87 30.58 24.54
N ASN B 193 14.41 30.93 23.33
CA ASN B 193 13.71 32.21 23.04
C ASN B 193 12.56 31.94 22.05
N PRO B 194 11.38 31.51 22.55
CA PRO B 194 10.24 31.15 21.69
C PRO B 194 9.49 32.25 20.92
N ASP B 195 9.66 33.52 21.32
CA ASP B 195 8.91 34.67 20.74
C ASP B 195 9.65 35.21 19.50
N ASP B 196 10.93 34.84 19.33
CA ASP B 196 11.71 35.09 18.08
C ASP B 196 10.77 34.89 16.89
N PRO B 197 10.63 35.88 15.97
CA PRO B 197 9.77 35.72 14.79
C PRO B 197 10.19 34.62 13.79
N ALA B 198 11.41 34.09 13.92
CA ALA B 198 11.91 32.91 13.17
C ALA B 198 10.93 31.73 13.27
N TYR B 199 10.27 31.61 14.43
CA TYR B 199 9.39 30.47 14.83
C TYR B 199 7.91 30.75 14.47
N ASP B 200 7.61 31.84 13.77
CA ASP B 200 6.22 32.23 13.41
C ASP B 200 5.62 31.21 12.41
N GLU B 201 6.46 30.57 11.59
CA GLU B 201 5.99 29.60 10.57
C GLU B 201 5.62 28.28 11.29
N ASN B 202 6.45 27.88 12.25
CA ASN B 202 6.15 26.77 13.19
C ASN B 202 4.77 26.99 13.81
N LYS B 203 4.51 28.19 14.37
CA LYS B 203 3.26 28.54 15.10
C LYS B 203 2.06 28.39 14.16
N ARG B 204 2.12 28.99 12.97
CA ARG B 204 1.06 28.91 11.94
C ARG B 204 0.81 27.43 11.61
N GLN B 205 1.88 26.65 11.40
CA GLN B 205 1.80 25.22 10.97
C GLN B 205 1.18 24.40 12.10
N PHE B 206 1.55 24.69 13.35
CA PHE B 206 1.06 23.98 14.56
C PHE B 206 -0.46 24.17 14.65
N GLN B 207 -0.93 25.40 14.50
CA GLN B 207 -2.39 25.75 14.50
C GLN B 207 -3.12 25.02 13.37
N GLU B 208 -2.50 24.93 12.19
CA GLU B 208 -3.05 24.22 10.99
C GLU B 208 -3.19 22.72 11.29
N ASP B 209 -2.20 22.12 11.97
CA ASP B 209 -2.17 20.67 12.29
C ASP B 209 -3.24 20.36 13.36
N ILE B 210 -3.39 21.22 14.35
CA ILE B 210 -4.45 21.07 15.40
C ILE B 210 -5.82 21.07 14.71
N LYS B 211 -6.06 22.01 13.79
CA LYS B 211 -7.34 22.12 13.04
C LYS B 211 -7.61 20.83 12.26
N VAL B 212 -6.64 20.32 11.52
CA VAL B 212 -6.78 19.03 10.77
C VAL B 212 -7.19 17.93 11.76
N MET B 213 -6.60 17.91 12.96
CA MET B 213 -6.83 16.80 13.92
C MET B 213 -8.26 16.93 14.47
N ASN B 214 -8.65 18.12 14.91
CA ASN B 214 -10.02 18.39 15.46
C ASN B 214 -11.06 18.08 14.39
N ASP B 215 -10.85 18.59 13.17
CA ASP B 215 -11.86 18.48 12.08
C ASP B 215 -12.12 17.00 11.76
N LEU B 216 -11.10 16.12 11.60
CA LEU B 216 -11.41 14.68 11.29
C LEU B 216 -12.09 14.03 12.49
N VAL B 217 -11.58 14.26 13.70
CA VAL B 217 -12.11 13.53 14.90
C VAL B 217 -13.54 14.04 15.18
N ASP B 218 -13.75 15.36 15.17
CA ASP B 218 -15.11 15.95 15.41
C ASP B 218 -16.06 15.37 14.36
N LYS B 219 -15.61 15.22 13.12
CA LYS B 219 -16.43 14.65 12.00
C LYS B 219 -16.77 13.21 12.31
N ILE B 220 -15.78 12.42 12.73
CA ILE B 220 -16.03 10.99 13.08
C ILE B 220 -17.06 10.89 14.21
N ILE B 221 -16.99 11.77 15.21
CA ILE B 221 -17.94 11.75 16.37
C ILE B 221 -19.33 12.13 15.82
N ALA B 222 -19.39 13.21 15.03
CA ALA B 222 -20.64 13.70 14.41
C ALA B 222 -21.25 12.57 13.58
N ASP B 223 -20.45 11.94 12.70
CA ASP B 223 -20.91 10.85 11.80
C ASP B 223 -21.49 9.72 12.64
N ARG B 224 -20.86 9.34 13.77
CA ARG B 224 -21.35 8.21 14.61
C ARG B 224 -22.67 8.58 15.30
N LYS B 225 -22.81 9.80 15.82
CA LYS B 225 -24.08 10.23 16.46
C LYS B 225 -25.23 10.22 15.44
N ALA B 226 -24.99 10.72 14.23
CA ALA B 226 -25.98 10.79 13.11
C ALA B 226 -26.46 9.38 12.75
N SER B 227 -25.56 8.39 12.67
CA SER B 227 -25.86 7.05 12.09
C SER B 227 -26.61 6.18 13.10
N GLY B 228 -26.41 6.43 14.39
CA GLY B 228 -27.02 5.66 15.51
C GLY B 228 -26.37 4.29 15.72
N GLU B 229 -25.30 3.97 14.99
CA GLU B 229 -24.72 2.59 15.00
C GLU B 229 -24.09 2.32 16.38
N GLN B 230 -24.19 1.08 16.86
CA GLN B 230 -23.75 0.68 18.22
C GLN B 230 -22.58 -0.30 18.11
N SER B 231 -21.59 -0.01 17.26
CA SER B 231 -20.37 -0.85 17.10
C SER B 231 -19.63 -0.87 18.43
N ASP B 232 -19.13 -2.04 18.85
CA ASP B 232 -18.47 -2.22 20.17
C ASP B 232 -17.03 -1.72 20.06
N ASP B 233 -16.88 -0.40 20.09
CA ASP B 233 -15.54 0.24 20.08
C ASP B 233 -15.54 1.29 21.21
N LEU B 234 -14.40 1.95 21.42
CA LEU B 234 -14.26 2.95 22.50
C LEU B 234 -15.21 4.12 22.25
N LEU B 235 -15.43 4.52 20.99
CA LEU B 235 -16.32 5.66 20.70
C LEU B 235 -17.74 5.35 21.17
N THR B 236 -18.28 4.17 20.88
CA THR B 236 -19.61 3.76 21.38
C THR B 236 -19.63 3.82 22.91
N HIS B 237 -18.60 3.29 23.58
CA HIS B 237 -18.52 3.27 25.06
C HIS B 237 -18.56 4.71 25.59
N MET B 238 -17.89 5.66 24.94
CA MET B 238 -17.80 7.08 25.39
C MET B 238 -19.09 7.86 25.07
N LEU B 239 -19.78 7.57 23.97
CA LEU B 239 -21.09 8.19 23.66
C LEU B 239 -22.17 7.65 24.61
N ASN B 240 -22.08 6.42 25.10
CA ASN B 240 -23.17 5.81 25.92
C ASN B 240 -22.84 5.80 27.42
N GLY B 241 -21.58 5.95 27.79
CA GLY B 241 -21.13 5.65 29.16
C GLY B 241 -21.47 6.81 30.07
N LYS B 242 -21.78 6.54 31.33
CA LYS B 242 -21.99 7.59 32.34
C LYS B 242 -21.10 7.28 33.53
N ASP B 243 -20.47 8.31 34.06
CA ASP B 243 -19.57 8.19 35.23
C ASP B 243 -20.44 7.95 36.44
N PRO B 244 -20.25 6.85 37.21
CA PRO B 244 -21.08 6.57 38.38
C PRO B 244 -20.99 7.64 39.47
N GLU B 245 -19.89 8.38 39.57
CA GLU B 245 -19.70 9.41 40.62
C GLU B 245 -20.55 10.65 40.28
N THR B 246 -20.25 11.31 39.17
CA THR B 246 -20.92 12.56 38.72
C THR B 246 -22.28 12.23 38.09
N GLY B 247 -22.44 11.00 37.60
CA GLY B 247 -23.64 10.56 36.83
C GLY B 247 -23.63 11.13 35.42
N GLU B 248 -22.55 11.83 34.99
CA GLU B 248 -22.51 12.55 33.70
C GLU B 248 -21.78 11.71 32.65
N PRO B 249 -22.14 11.84 31.36
CA PRO B 249 -21.32 11.31 30.27
C PRO B 249 -20.22 12.32 29.92
N LEU B 250 -19.22 11.89 29.17
CA LEU B 250 -18.23 12.79 28.52
C LEU B 250 -18.97 13.63 27.48
N ASP B 251 -18.63 14.90 27.40
CA ASP B 251 -19.10 15.75 26.29
C ASP B 251 -18.22 15.50 25.05
N ASP B 252 -18.68 15.98 23.89
CA ASP B 252 -18.10 15.64 22.57
C ASP B 252 -16.67 16.20 22.48
N GLU B 253 -16.40 17.36 23.07
CA GLU B 253 -15.04 17.96 23.04
C GLU B 253 -14.09 17.02 23.80
N ASN B 254 -14.51 16.50 24.95
CA ASN B 254 -13.61 15.63 25.76
C ASN B 254 -13.42 14.29 25.02
N ILE B 255 -14.47 13.73 24.40
CA ILE B 255 -14.36 12.48 23.59
C ILE B 255 -13.29 12.72 22.50
N ARG B 256 -13.35 13.88 21.85
CA ARG B 256 -12.35 14.22 20.82
C ARG B 256 -10.94 14.14 21.44
N TYR B 257 -10.71 14.73 22.62
CA TYR B 257 -9.35 14.68 23.22
C TYR B 257 -8.96 13.24 23.54
N GLN B 258 -9.88 12.41 24.03
CA GLN B 258 -9.56 10.99 24.33
C GLN B 258 -9.14 10.29 23.02
N ILE B 259 -9.88 10.50 21.94
CA ILE B 259 -9.57 9.83 20.65
C ILE B 259 -8.19 10.26 20.15
N ILE B 260 -7.91 11.57 20.20
CA ILE B 260 -6.59 12.09 19.80
C ILE B 260 -5.52 11.40 20.67
N THR B 261 -5.78 11.25 21.96
CA THR B 261 -4.83 10.65 22.91
C THR B 261 -4.60 9.18 22.53
N PHE B 262 -5.67 8.43 22.24
CA PHE B 262 -5.54 6.98 21.87
C PHE B 262 -4.76 6.84 20.55
N LEU B 263 -4.95 7.76 19.62
CA LEU B 263 -4.23 7.72 18.32
C LEU B 263 -2.75 8.05 18.50
N ILE B 264 -2.42 9.00 19.38
CA ILE B 264 -1.01 9.24 19.78
C ILE B 264 -0.43 7.93 20.32
N ALA B 265 -1.13 7.26 21.24
CA ALA B 265 -0.65 6.00 21.84
C ALA B 265 -0.43 4.97 20.72
N GLY B 266 -1.36 4.89 19.77
CA GLY B 266 -1.33 3.91 18.67
C GLY B 266 -0.13 4.10 17.76
N HIS B 267 0.28 5.33 17.57
CA HIS B 267 1.44 5.66 16.73
C HIS B 267 2.75 5.49 17.50
N GLU B 268 2.79 5.79 18.80
CA GLU B 268 4.08 6.09 19.51
C GLU B 268 4.58 4.95 20.40
N THR B 269 3.71 4.09 20.96
CA THR B 269 4.07 3.23 22.12
C THR B 269 4.26 1.78 21.70
N THR B 270 3.18 1.05 21.45
CA THR B 270 3.27 -0.42 21.25
C THR B 270 4.20 -0.71 20.08
N SER B 271 4.21 0.17 19.07
CA SER B 271 5.09 0.01 17.88
C SER B 271 6.57 0.06 18.30
N GLY B 272 6.91 0.91 19.28
CA GLY B 272 8.28 0.93 19.85
C GLY B 272 8.64 -0.36 20.53
N LEU B 273 7.75 -0.85 21.38
CA LEU B 273 7.94 -2.12 22.11
C LEU B 273 8.17 -3.25 21.09
N LEU B 274 7.31 -3.41 20.09
CA LEU B 274 7.45 -4.52 19.12
C LEU B 274 8.79 -4.39 18.41
N SER B 275 9.20 -3.17 18.04
CA SER B 275 10.46 -2.93 17.30
C SER B 275 11.64 -3.31 18.20
N PHE B 276 11.67 -2.86 19.45
CA PHE B 276 12.74 -3.24 20.41
C PHE B 276 12.73 -4.75 20.66
N ALA B 277 11.56 -5.35 20.81
CA ALA B 277 11.47 -6.81 21.01
C ALA B 277 12.14 -7.52 19.83
N LEU B 278 11.80 -7.18 18.59
CA LEU B 278 12.36 -7.91 17.43
C LEU B 278 13.87 -7.67 17.37
N TYR B 279 14.33 -6.48 17.75
CA TYR B 279 15.76 -6.12 17.79
C TYR B 279 16.49 -7.10 18.72
N PHE B 280 15.98 -7.24 19.95
CA PHE B 280 16.61 -8.07 21.00
C PHE B 280 16.55 -9.55 20.58
N LEU B 281 15.47 -9.98 19.94
CA LEU B 281 15.35 -11.39 19.47
C LEU B 281 16.41 -11.65 18.40
N VAL B 282 16.59 -10.75 17.42
CA VAL B 282 17.56 -11.08 16.33
C VAL B 282 18.98 -10.99 16.88
N LYS B 283 19.22 -10.24 17.95
CA LYS B 283 20.57 -10.12 18.57
C LYS B 283 20.85 -11.26 19.57
N ASN B 284 19.85 -12.09 19.88
CA ASN B 284 19.93 -13.14 20.92
C ASN B 284 19.22 -14.39 20.40
N PRO B 285 19.83 -15.08 19.42
CA PRO B 285 19.18 -16.21 18.76
C PRO B 285 18.70 -17.34 19.70
N HIS B 286 19.32 -17.58 20.85
CA HIS B 286 18.80 -18.59 21.82
C HIS B 286 17.40 -18.15 22.27
N VAL B 287 17.25 -16.87 22.58
CA VAL B 287 15.94 -16.33 23.03
C VAL B 287 14.92 -16.46 21.90
N LEU B 288 15.30 -16.05 20.69
N LEU B 288 15.29 -16.08 20.67
CA LEU B 288 14.45 -16.17 19.49
CA LEU B 288 14.40 -16.21 19.49
C LEU B 288 13.94 -17.61 19.36
C LEU B 288 13.95 -17.68 19.38
N GLN B 289 14.83 -18.61 19.47
N GLN B 289 14.87 -18.64 19.48
CA GLN B 289 14.42 -20.03 19.30
CA GLN B 289 14.53 -20.08 19.37
C GLN B 289 13.44 -20.41 20.42
C GLN B 289 13.48 -20.42 20.43
N LYS B 290 13.68 -19.99 21.67
CA LYS B 290 12.80 -20.38 22.80
C LYS B 290 11.40 -19.77 22.58
N ALA B 291 11.34 -18.53 22.11
CA ALA B 291 10.07 -17.82 21.86
C ALA B 291 9.37 -18.45 20.65
N ALA B 292 10.11 -18.83 19.61
CA ALA B 292 9.54 -19.43 18.38
C ALA B 292 8.99 -20.81 18.74
N GLU B 293 9.65 -21.55 19.63
CA GLU B 293 9.14 -22.88 20.10
C GLU B 293 7.79 -22.69 20.77
N GLU B 294 7.67 -21.69 21.65
CA GLU B 294 6.40 -21.45 22.34
C GLU B 294 5.30 -21.08 21.32
N ALA B 295 5.58 -20.19 20.38
CA ALA B 295 4.59 -19.72 19.39
C ALA B 295 4.10 -20.93 18.56
N ALA B 296 5.01 -21.79 18.12
CA ALA B 296 4.70 -22.98 17.30
C ALA B 296 3.77 -23.90 18.10
N ARG B 297 4.07 -24.15 19.37
CA ARG B 297 3.32 -25.12 20.22
C ARG B 297 1.95 -24.56 20.57
N VAL B 298 1.85 -23.26 20.79
CA VAL B 298 0.61 -22.65 21.34
C VAL B 298 -0.33 -22.26 20.20
N LEU B 299 0.17 -21.62 19.14
CA LEU B 299 -0.70 -21.02 18.10
C LEU B 299 -0.98 -22.10 17.03
N VAL B 300 -1.78 -23.08 17.40
CA VAL B 300 -1.99 -24.32 16.59
C VAL B 300 -3.06 -24.10 15.53
N ASP B 301 -3.77 -22.97 15.55
CA ASP B 301 -4.87 -22.67 14.60
C ASP B 301 -4.43 -21.56 13.65
N PRO B 302 -5.02 -21.45 12.44
CA PRO B 302 -4.59 -20.40 11.52
C PRO B 302 -4.89 -18.98 12.01
N VAL B 303 -5.95 -18.81 12.78
CA VAL B 303 -6.33 -17.55 13.47
C VAL B 303 -6.07 -17.75 14.96
N PRO B 304 -5.16 -17.00 15.62
CA PRO B 304 -5.00 -17.14 17.07
C PRO B 304 -6.28 -16.75 17.82
N SER B 305 -6.62 -17.48 18.88
CA SER B 305 -7.72 -17.16 19.81
C SER B 305 -7.22 -16.31 20.98
N TYR B 306 -8.13 -15.62 21.68
CA TYR B 306 -7.83 -14.88 22.93
C TYR B 306 -7.12 -15.84 23.92
N LYS B 307 -7.65 -17.04 24.13
CA LYS B 307 -7.09 -18.02 25.11
C LYS B 307 -5.67 -18.42 24.73
N GLN B 308 -5.38 -18.57 23.44
CA GLN B 308 -4.02 -18.96 22.99
C GLN B 308 -3.05 -17.81 23.27
N VAL B 309 -3.46 -16.58 23.02
CA VAL B 309 -2.53 -15.44 23.29
C VAL B 309 -2.15 -15.44 24.77
N LYS B 310 -3.10 -15.75 25.67
CA LYS B 310 -2.86 -15.75 27.14
C LYS B 310 -1.87 -16.85 27.51
N GLN B 311 -1.67 -17.88 26.70
CA GLN B 311 -0.73 -18.97 26.99
C GLN B 311 0.69 -18.63 26.52
N LEU B 312 0.91 -17.53 25.80
CA LEU B 312 2.28 -17.17 25.32
C LEU B 312 3.10 -16.52 26.44
N LYS B 313 3.44 -17.31 27.47
CA LYS B 313 4.14 -16.83 28.69
C LYS B 313 5.52 -16.29 28.29
N TYR B 314 6.32 -17.06 27.54
CA TYR B 314 7.70 -16.65 27.19
C TYR B 314 7.66 -15.42 26.29
N VAL B 315 6.69 -15.33 25.38
CA VAL B 315 6.58 -14.12 24.52
C VAL B 315 6.33 -12.91 25.44
N GLY B 316 5.48 -13.03 26.45
CA GLY B 316 5.27 -11.96 27.44
C GLY B 316 6.54 -11.60 28.20
N MET B 317 7.39 -12.58 28.53
CA MET B 317 8.69 -12.32 29.22
C MET B 317 9.65 -11.57 28.29
N VAL B 318 9.66 -11.91 27.01
CA VAL B 318 10.44 -11.19 25.97
C VAL B 318 9.98 -9.72 25.96
N LEU B 319 8.68 -9.49 25.99
CA LEU B 319 8.15 -8.11 25.92
C LEU B 319 8.54 -7.35 27.20
N ASN B 320 8.42 -7.96 28.37
CA ASN B 320 8.83 -7.26 29.63
C ASN B 320 10.33 -6.96 29.62
N GLU B 321 11.16 -7.87 29.10
CA GLU B 321 12.63 -7.65 29.08
C GLU B 321 12.99 -6.56 28.07
N ALA B 322 12.26 -6.43 26.94
CA ALA B 322 12.43 -5.26 26.04
C ALA B 322 12.00 -3.98 26.76
N LEU B 323 10.86 -4.00 27.46
CA LEU B 323 10.42 -2.83 28.28
C LEU B 323 11.47 -2.51 29.35
N ARG B 324 12.13 -3.53 29.91
CA ARG B 324 13.13 -3.23 30.97
C ARG B 324 14.28 -2.41 30.33
N LEU B 325 14.89 -2.91 29.25
CA LEU B 325 16.09 -2.23 28.71
C LEU B 325 15.74 -0.94 27.96
N TRP B 326 14.65 -0.90 27.21
CA TRP B 326 14.30 0.30 26.42
C TRP B 326 12.81 0.55 26.57
N PRO B 327 12.41 1.06 27.75
CA PRO B 327 11.01 1.39 28.03
C PRO B 327 10.59 2.48 27.04
N THR B 328 9.76 2.12 26.05
CA THR B 328 9.45 2.98 24.90
C THR B 328 8.88 4.32 25.39
N ALA B 329 8.11 4.33 26.46
CA ALA B 329 7.72 5.55 27.20
C ALA B 329 8.74 5.72 28.32
N PRO B 330 9.72 6.63 28.21
CA PRO B 330 10.91 6.56 29.07
C PRO B 330 10.88 7.39 30.35
N ALA B 331 9.81 8.15 30.59
CA ALA B 331 9.78 9.03 31.76
C ALA B 331 8.34 9.34 32.14
N PHE B 332 8.16 9.68 33.39
CA PHE B 332 6.94 10.36 33.90
C PHE B 332 7.38 11.31 35.00
N SER B 333 6.55 12.31 35.23
CA SER B 333 6.81 13.48 36.07
C SER B 333 5.86 13.45 37.29
N LEU B 334 6.37 13.85 38.44
CA LEU B 334 5.62 13.94 39.71
C LEU B 334 5.84 15.33 40.31
N TYR B 335 4.91 15.78 41.16
CA TYR B 335 5.13 16.99 42.01
C TYR B 335 4.86 16.62 43.47
N ALA B 336 5.62 17.25 44.39
CA ALA B 336 5.43 17.09 45.84
C ALA B 336 4.11 17.76 46.22
N LYS B 337 3.17 17.02 46.79
CA LYS B 337 1.87 17.54 47.24
C LYS B 337 2.06 18.49 48.44
N GLU B 338 3.08 18.24 49.26
CA GLU B 338 3.45 19.09 50.43
C GLU B 338 4.97 19.10 50.59
N ASP B 339 5.51 20.01 51.42
CA ASP B 339 6.92 19.95 51.89
C ASP B 339 7.21 18.53 52.37
N THR B 340 8.34 17.94 51.96
CA THR B 340 8.69 16.55 52.31
C THR B 340 10.19 16.36 52.12
N VAL B 341 10.73 15.31 52.70
CA VAL B 341 12.16 14.93 52.54
C VAL B 341 12.18 13.63 51.75
N LEU B 342 12.86 13.64 50.61
CA LEU B 342 13.05 12.43 49.77
C LEU B 342 14.27 11.68 50.27
N GLY B 343 14.08 10.42 50.66
CA GLY B 343 15.16 9.47 50.92
C GLY B 343 15.94 9.84 52.17
N GLY B 344 15.31 10.57 53.09
CA GLY B 344 15.91 11.09 54.34
C GLY B 344 17.03 12.09 54.08
N GLU B 345 17.20 12.54 52.84
CA GLU B 345 18.42 13.28 52.44
C GLU B 345 18.08 14.55 51.66
N TYR B 346 16.99 14.60 50.88
CA TYR B 346 16.78 15.69 49.89
C TYR B 346 15.47 16.41 50.19
N PRO B 347 15.53 17.59 50.84
CA PRO B 347 14.33 18.34 51.17
C PRO B 347 13.67 18.87 49.89
N LEU B 348 12.36 18.69 49.78
CA LEU B 348 11.53 19.27 48.70
C LEU B 348 10.45 20.19 49.29
N GLU B 349 10.15 21.25 48.55
CA GLU B 349 8.99 22.15 48.81
C GLU B 349 7.77 21.64 48.03
N LYS B 350 6.58 21.82 48.60
CA LYS B 350 5.28 21.66 47.89
C LYS B 350 5.42 22.21 46.47
N GLY B 351 5.03 21.41 45.47
CA GLY B 351 5.02 21.79 44.04
C GLY B 351 6.33 21.49 43.29
N ASP B 352 7.40 21.12 43.99
CA ASP B 352 8.68 20.77 43.33
C ASP B 352 8.47 19.57 42.40
N GLU B 353 9.06 19.63 41.21
CA GLU B 353 8.88 18.66 40.11
C GLU B 353 9.99 17.62 40.17
N LEU B 354 9.61 16.35 40.04
CA LEU B 354 10.52 15.18 39.85
C LEU B 354 10.26 14.56 38.48
N MET B 355 11.33 14.07 37.85
N MET B 355 11.33 14.04 37.85
CA MET B 355 11.24 13.25 36.62
CA MET B 355 11.23 13.27 36.59
C MET B 355 11.81 11.89 36.95
C MET B 355 11.85 11.90 36.84
N VAL B 356 11.06 10.84 36.65
CA VAL B 356 11.53 9.44 36.79
C VAL B 356 12.13 9.01 35.45
N LEU B 357 13.41 8.69 35.44
CA LEU B 357 14.12 8.17 34.24
C LEU B 357 13.96 6.65 34.21
N ILE B 358 12.93 6.15 33.53
CA ILE B 358 12.57 4.71 33.61
C ILE B 358 13.74 3.86 33.11
N PRO B 359 14.49 4.20 32.04
CA PRO B 359 15.62 3.35 31.61
C PRO B 359 16.70 3.19 32.67
N GLN B 360 16.86 4.20 33.54
CA GLN B 360 17.88 4.17 34.63
C GLN B 360 17.35 3.30 35.76
N LEU B 361 16.07 3.45 36.10
CA LEU B 361 15.44 2.61 37.11
C LEU B 361 15.69 1.14 36.76
N HIS B 362 15.44 0.80 35.51
CA HIS B 362 15.50 -0.58 34.96
C HIS B 362 16.94 -1.10 34.87
N ARG B 363 17.93 -0.26 35.19
CA ARG B 363 19.37 -0.61 35.19
C ARG B 363 19.97 -0.51 36.59
N ASP B 364 19.15 -0.38 37.63
CA ASP B 364 19.60 -0.28 39.04
C ASP B 364 20.21 -1.62 39.46
N LYS B 365 21.55 -1.72 39.48
CA LYS B 365 22.21 -3.02 39.74
C LYS B 365 21.87 -3.56 41.13
N THR B 366 21.43 -2.74 42.08
CA THR B 366 21.07 -3.24 43.43
C THR B 366 19.78 -4.06 43.34
N ILE B 367 18.99 -3.90 42.27
CA ILE B 367 17.75 -4.68 42.03
C ILE B 367 18.04 -5.84 41.07
N TRP B 368 18.69 -5.58 39.94
CA TRP B 368 18.69 -6.53 38.82
C TRP B 368 19.97 -7.38 38.82
N GLY B 369 20.98 -7.00 39.61
CA GLY B 369 22.29 -7.67 39.66
C GLY B 369 23.24 -7.11 38.62
N ASP B 370 24.40 -7.74 38.45
CA ASP B 370 25.53 -7.17 37.66
C ASP B 370 25.38 -7.51 36.17
N ASP B 371 24.33 -8.20 35.73
CA ASP B 371 24.11 -8.55 34.29
C ASP B 371 23.06 -7.61 33.68
N VAL B 372 22.95 -6.38 34.16
CA VAL B 372 21.77 -5.49 33.92
C VAL B 372 21.65 -5.12 32.43
N GLU B 373 22.75 -5.11 31.65
CA GLU B 373 22.74 -4.73 30.21
C GLU B 373 22.38 -5.93 29.32
N GLU B 374 22.27 -7.13 29.87
CA GLU B 374 22.04 -8.37 29.10
C GLU B 374 20.54 -8.58 28.94
N PHE B 375 20.14 -9.06 27.76
CA PHE B 375 18.73 -9.36 27.44
C PHE B 375 18.47 -10.80 27.87
N ARG B 376 17.74 -10.98 28.98
N ARG B 376 17.75 -10.98 28.98
CA ARG B 376 17.48 -12.31 29.59
CA ARG B 376 17.47 -12.29 29.61
C ARG B 376 16.03 -12.34 30.05
C ARG B 376 16.01 -12.30 30.05
N PRO B 377 15.07 -12.72 29.17
CA PRO B 377 13.66 -12.78 29.54
C PRO B 377 13.40 -13.65 30.77
N GLU B 378 14.30 -14.59 31.05
CA GLU B 378 14.17 -15.51 32.21
C GLU B 378 14.13 -14.69 33.51
N ARG B 379 14.62 -13.46 33.53
CA ARG B 379 14.51 -12.60 34.76
C ARG B 379 13.05 -12.50 35.19
N PHE B 380 12.13 -12.60 34.22
CA PHE B 380 10.67 -12.39 34.40
C PHE B 380 9.94 -13.73 34.51
N GLU B 381 10.66 -14.85 34.63
CA GLU B 381 10.06 -16.22 34.66
C GLU B 381 9.06 -16.30 35.82
N ASN B 382 9.40 -15.62 36.93
CA ASN B 382 8.60 -15.62 38.18
C ASN B 382 8.28 -14.15 38.51
N PRO B 383 7.09 -13.64 38.15
CA PRO B 383 6.79 -12.22 38.35
C PRO B 383 6.97 -11.76 39.81
N SER B 384 6.75 -12.63 40.80
CA SER B 384 6.75 -12.27 42.24
C SER B 384 8.18 -11.95 42.74
N ALA B 385 9.21 -12.38 42.01
CA ALA B 385 10.64 -12.09 42.31
C ALA B 385 11.01 -10.63 41.98
N ILE B 386 10.20 -9.93 41.18
N ILE B 386 10.21 -9.92 41.17
CA ILE B 386 10.41 -8.48 40.86
CA ILE B 386 10.43 -8.48 40.87
C ILE B 386 9.96 -7.64 42.05
C ILE B 386 9.96 -7.66 42.08
N PRO B 387 10.86 -6.89 42.75
CA PRO B 387 10.44 -6.00 43.83
C PRO B 387 9.50 -4.87 43.36
N GLN B 388 8.67 -4.37 44.28
CA GLN B 388 7.68 -3.32 43.96
C GLN B 388 8.43 -2.05 43.55
N HIS B 389 7.95 -1.40 42.49
CA HIS B 389 8.46 -0.10 41.99
C HIS B 389 9.83 -0.28 41.34
N ALA B 390 10.32 -1.50 41.11
CA ALA B 390 11.57 -1.74 40.37
C ALA B 390 11.32 -1.68 38.85
N PHE B 391 10.11 -1.98 38.41
CA PHE B 391 9.76 -2.13 36.97
C PHE B 391 8.50 -1.31 36.71
N LYS B 392 8.63 -0.20 35.97
N LYS B 392 8.63 -0.21 35.96
CA LYS B 392 7.56 0.83 35.85
CA LYS B 392 7.55 0.81 35.85
C LYS B 392 7.39 1.29 34.41
C LYS B 392 7.39 1.29 34.41
N PRO B 393 7.37 0.40 33.40
CA PRO B 393 7.23 0.84 32.02
C PRO B 393 5.85 1.48 31.75
N PHE B 394 4.86 1.23 32.60
CA PHE B 394 3.48 1.75 32.41
C PHE B 394 3.14 2.82 33.45
N GLY B 395 4.17 3.40 34.10
CA GLY B 395 3.98 4.47 35.08
C GLY B 395 3.46 3.96 36.42
N ASN B 396 2.68 4.78 37.13
CA ASN B 396 2.45 4.52 38.58
C ASN B 396 1.02 4.83 39.03
N GLY B 397 0.46 3.90 39.81
CA GLY B 397 -0.75 4.14 40.60
C GLY B 397 -1.95 4.47 39.73
N GLN B 398 -2.83 5.36 40.19
CA GLN B 398 -4.11 5.66 39.50
C GLN B 398 -3.82 6.37 38.18
N ARG B 399 -2.61 6.93 38.01
CA ARG B 399 -2.19 7.61 36.75
C ARG B 399 -1.34 6.68 35.87
N ALA B 400 -1.37 5.38 36.16
CA ALA B 400 -0.67 4.38 35.31
C ALA B 400 -1.41 4.27 33.98
N CYS B 401 -0.74 3.69 33.00
CA CYS B 401 -1.25 3.52 31.62
C CYS B 401 -2.60 2.80 31.63
N ILE B 402 -3.68 3.45 31.20
CA ILE B 402 -4.99 2.74 31.11
C ILE B 402 -4.88 1.67 29.99
N GLY B 403 -3.96 1.85 29.03
CA GLY B 403 -3.83 1.01 27.83
C GLY B 403 -2.97 -0.23 28.04
N GLN B 404 -2.54 -0.53 29.27
CA GLN B 404 -1.49 -1.55 29.50
C GLN B 404 -1.93 -2.93 28.97
N GLN B 405 -3.14 -3.35 29.30
N GLN B 405 -3.14 -3.36 29.31
CA GLN B 405 -3.66 -4.71 28.93
CA GLN B 405 -3.64 -4.72 28.93
C GLN B 405 -3.82 -4.76 27.40
C GLN B 405 -3.84 -4.76 27.41
N PHE B 406 -4.29 -3.66 26.82
CA PHE B 406 -4.48 -3.51 25.37
C PHE B 406 -3.12 -3.68 24.67
N ALA B 407 -2.13 -2.87 25.06
CA ALA B 407 -0.78 -2.87 24.48
C ALA B 407 -0.17 -4.28 24.57
N LEU B 408 -0.24 -4.91 25.73
CA LEU B 408 0.40 -6.23 25.93
C LEU B 408 -0.37 -7.32 25.18
N HIS B 409 -1.71 -7.22 25.05
CA HIS B 409 -2.47 -8.23 24.27
C HIS B 409 -2.04 -8.13 22.81
N GLU B 410 -2.08 -6.93 22.26
CA GLU B 410 -1.73 -6.68 20.86
C GLU B 410 -0.29 -7.16 20.63
N ALA B 411 0.65 -6.72 21.46
CA ALA B 411 2.08 -7.02 21.25
C ALA B 411 2.32 -8.53 21.35
N THR B 412 1.66 -9.19 22.29
CA THR B 412 1.82 -10.65 22.46
C THR B 412 1.26 -11.38 21.23
N LEU B 413 0.08 -10.97 20.76
CA LEU B 413 -0.59 -11.58 19.60
C LEU B 413 0.31 -11.43 18.37
N VAL B 414 0.76 -10.22 18.11
CA VAL B 414 1.53 -9.89 16.88
C VAL B 414 2.90 -10.61 16.92
N LEU B 415 3.62 -10.48 18.04
CA LEU B 415 4.95 -11.11 18.15
C LEU B 415 4.80 -12.64 18.06
N GLY B 416 3.76 -13.20 18.68
CA GLY B 416 3.48 -14.65 18.58
C GLY B 416 3.31 -15.04 17.12
N MET B 417 2.49 -14.32 16.37
CA MET B 417 2.26 -14.64 14.95
C MET B 417 3.53 -14.47 14.12
N MET B 418 4.30 -13.40 14.34
CA MET B 418 5.60 -13.19 13.66
C MET B 418 6.52 -14.40 13.88
N LEU B 419 6.65 -14.88 15.11
CA LEU B 419 7.55 -16.00 15.46
C LEU B 419 7.01 -17.33 14.93
N LYS B 420 5.70 -17.46 14.83
CA LYS B 420 5.06 -18.68 14.24
C LYS B 420 5.37 -18.75 12.73
N HIS B 421 5.32 -17.62 12.04
CA HIS B 421 5.22 -17.60 10.56
C HIS B 421 6.59 -17.44 9.88
N PHE B 422 7.59 -16.90 10.56
CA PHE B 422 8.87 -16.49 9.94
C PHE B 422 10.07 -16.83 10.82
N ASP B 423 11.18 -17.15 10.15
CA ASP B 423 12.55 -17.02 10.71
C ASP B 423 13.02 -15.61 10.36
N PHE B 424 13.91 -15.05 11.16
CA PHE B 424 14.40 -13.68 10.96
C PHE B 424 15.91 -13.64 10.86
N GLU B 425 16.43 -12.76 10.00
CA GLU B 425 17.89 -12.53 9.86
C GLU B 425 18.18 -11.03 10.06
N ASP B 426 19.17 -10.73 10.90
CA ASP B 426 19.82 -9.41 11.05
C ASP B 426 20.85 -9.27 9.92
N HIS B 427 20.41 -9.11 8.68
CA HIS B 427 21.26 -9.21 7.48
C HIS B 427 22.22 -8.01 7.39
N THR B 428 21.95 -6.88 8.06
CA THR B 428 22.86 -5.70 8.03
C THR B 428 23.72 -5.61 9.28
N ASN B 429 23.62 -6.56 10.22
CA ASN B 429 24.27 -6.43 11.55
C ASN B 429 23.97 -5.02 12.06
N TYR B 430 22.69 -4.74 12.26
CA TYR B 430 22.15 -3.39 12.57
C TYR B 430 22.74 -2.85 13.87
N GLU B 431 23.22 -1.61 13.83
CA GLU B 431 23.71 -0.91 15.03
C GLU B 431 22.56 -0.08 15.60
N LEU B 432 22.16 -0.37 16.83
CA LEU B 432 21.01 0.31 17.48
C LEU B 432 21.22 1.83 17.44
N ASP B 433 20.21 2.52 16.94
CA ASP B 433 20.13 3.98 16.81
C ASP B 433 18.72 4.35 17.28
N ILE B 434 18.61 5.01 18.42
CA ILE B 434 17.26 5.22 19.04
C ILE B 434 16.82 6.65 18.72
N LYS B 435 15.75 6.77 17.95
CA LYS B 435 15.08 8.06 17.65
C LYS B 435 14.14 8.39 18.82
N GLU B 436 14.05 9.66 19.20
CA GLU B 436 13.18 10.15 20.29
C GLU B 436 12.12 11.10 19.73
N THR B 437 10.86 10.80 20.02
CA THR B 437 9.70 11.71 19.89
C THR B 437 9.20 11.92 21.32
N LEU B 438 7.93 11.59 21.60
CA LEU B 438 7.50 11.37 23.00
C LEU B 438 8.13 10.08 23.49
N THR B 439 8.42 9.16 22.56
CA THR B 439 8.78 7.77 22.88
C THR B 439 10.11 7.41 22.20
N LEU B 440 10.62 6.25 22.52
CA LEU B 440 11.86 5.71 21.94
C LEU B 440 11.50 4.68 20.87
N LYS B 441 12.22 4.68 19.74
CA LYS B 441 12.07 3.64 18.69
C LYS B 441 13.42 3.41 18.05
N PRO B 442 13.72 2.19 17.53
N PRO B 442 13.76 2.16 17.69
CA PRO B 442 14.99 1.93 16.85
CA PRO B 442 14.85 1.90 16.77
C PRO B 442 14.99 2.31 15.35
C PRO B 442 14.54 2.76 15.53
N GLU B 443 15.56 3.47 15.03
CA GLU B 443 15.49 4.07 13.68
C GLU B 443 16.34 3.21 12.72
N GLY B 444 15.86 2.98 11.50
CA GLY B 444 16.62 2.30 10.45
C GLY B 444 16.76 0.80 10.70
N PHE B 445 16.05 0.24 11.68
CA PHE B 445 16.09 -1.22 11.97
C PHE B 445 15.40 -1.99 10.84
N VAL B 446 16.17 -2.87 10.20
CA VAL B 446 15.76 -3.68 9.03
C VAL B 446 16.15 -5.12 9.31
N VAL B 447 15.32 -6.03 8.82
CA VAL B 447 15.58 -7.49 8.90
C VAL B 447 15.11 -8.11 7.58
N LYS B 448 15.51 -9.36 7.37
CA LYS B 448 14.95 -10.20 6.31
C LYS B 448 14.19 -11.31 7.01
N ALA B 449 13.07 -11.70 6.45
CA ALA B 449 12.29 -12.83 6.98
C ALA B 449 12.32 -13.96 5.95
N LYS B 450 12.27 -15.19 6.46
CA LYS B 450 12.11 -16.39 5.62
C LYS B 450 10.86 -17.08 6.13
N SER B 451 9.89 -17.24 5.26
CA SER B 451 8.58 -17.84 5.60
C SER B 451 8.79 -19.28 6.05
N LYS B 452 8.11 -19.68 7.12
CA LYS B 452 7.98 -21.11 7.50
C LYS B 452 6.85 -21.78 6.72
N LYS B 453 6.19 -21.06 5.81
CA LYS B 453 5.19 -21.60 4.84
C LYS B 453 4.03 -22.24 5.60
N ILE B 454 3.52 -21.58 6.64
CA ILE B 454 2.38 -22.04 7.44
C ILE B 454 1.18 -21.19 7.03
N PRO B 455 0.09 -21.83 6.51
CA PRO B 455 -1.05 -21.08 5.99
C PRO B 455 -1.80 -20.34 7.11
N LEU B 456 -2.37 -19.18 6.75
CA LEU B 456 -3.38 -18.44 7.54
C LEU B 456 -4.79 -18.95 7.20
#